data_9BEY
#
_entry.id   9BEY
#
_cell.length_a   86.450
_cell.length_b   70.274
_cell.length_c   89.186
_cell.angle_alpha   90.00
_cell.angle_beta   113.48
_cell.angle_gamma   90.00
#
_symmetry.space_group_name_H-M   'P 1 21 1'
#
loop_
_entity.id
_entity.type
_entity.pdbx_description
1 polymer 'GH2 beta-galactosidase'
2 non-polymer D-galacto-isofagomine
3 non-polymer 1,2-ETHANEDIOL
4 water water
#
_entity_poly.entity_id   1
_entity_poly.type   'polypeptide(L)'
_entity_poly.pdbx_seq_one_letter_code
;MGSSHHHHHHSSGLVPRGSHMASNDDRVSFNSGWLFSKGDHIDAAKSEFEDSRWRKLDLPHDWAIEGPFDKAYSARNGGL
PVFGTAWYRKHFTLPKSTLGKSVSITFDGAMSNTEVFVNGNKVISRPFGYIAFEFDITPYLNSPGDENVISVKLSPENYS
ARWYSGAGIYRNTWLEINDKVHIKQWETFVSTPTITKDKAIVDYKTTVINTEKSSQPVVIKTSIKSAEGVVVDEVAQNTI
LPANSEHKIQQQLKISQPRLWDTEDPYRYTVVTTVVKDGNAVDVNSVPLGVRKIEFKADDGFWLNDRRVQIQGVCLHHDN
GPLGAIVNTRAIERKLEIMKEMGANSVRTSHNPPSPELVELADKMGILLQVEAFDMWEIEKPAVVNGYNKDFAQWHDRDL
RDMIKQYRNNPSVIMWSIGNEVMEQRKDDGWKVAKNLQRIAHDEDPTRLVTNGLSMYPDFIDKGMAQEMDIVGLNYKAYK
YQEIKQAHPDWIIVGTETSSVVSTRGVYHFPIEKYNKHESKYVTSFDVITPPWAYIPDLEFENLKNNPSVMGEYIWTGFD
YIGEPTPYGGRDHGNKFYWNQDWPARSSSFGAVDLVGFKKDRFYLYQSQWTKKPMVHVLPHWNWPEKVGETIPVFAYTNA
EEVELFVNGQSKGRKRKGEDKVRLPVSLRYDKSVKYFDSPYRLRWDVEYQPGEIKVVAYTNDKVVSVKTVKTADKAAQIA
LFPDRKILSADGYDLSYITVEITDTDGNLVPDADNKINFKVEGAGEIIAVGNGDSATTAPFQADYRHAFYGKAMLIVKSN
KGMAGEIKVTASAEKLISSSVVLVSQ
;
_entity_poly.pdbx_strand_id   A
#
# COMPACT_ATOMS: atom_id res chain seq x y z
N ASP A 25 -22.40 -0.81 22.11
CA ASP A 25 -23.10 -1.19 20.88
C ASP A 25 -22.20 -0.96 19.67
N ASP A 26 -22.49 -1.65 18.57
CA ASP A 26 -21.60 -1.61 17.41
C ASP A 26 -21.60 -0.22 16.77
N ARG A 27 -20.40 0.22 16.39
CA ARG A 27 -20.17 1.56 15.90
C ARG A 27 -20.71 1.74 14.49
N VAL A 28 -20.88 3.01 14.11
CA VAL A 28 -21.35 3.39 12.79
C VAL A 28 -20.31 4.32 12.17
N SER A 29 -20.38 4.45 10.84
CA SER A 29 -19.49 5.37 10.14
C SER A 29 -19.89 6.82 10.43
N PHE A 30 -18.87 7.66 10.64
CA PHE A 30 -19.07 9.08 10.90
C PHE A 30 -18.75 9.93 9.67
N ASN A 31 -18.68 9.32 8.48
CA ASN A 31 -18.19 9.99 7.28
C ASN A 31 -19.19 10.95 6.66
N SER A 32 -20.47 10.84 7.01
CA SER A 32 -21.51 11.57 6.28
C SER A 32 -21.67 12.99 6.79
N GLY A 33 -21.97 13.91 5.88
CA GLY A 33 -22.41 15.25 6.21
C GLY A 33 -21.38 16.16 6.85
N TRP A 34 -20.24 16.36 6.20
CA TRP A 34 -19.20 17.23 6.71
C TRP A 34 -19.16 18.54 5.92
N LEU A 35 -18.55 19.54 6.54
CA LEU A 35 -18.24 20.81 5.89
C LEU A 35 -16.73 21.00 5.86
N PHE A 36 -16.25 21.64 4.79
CA PHE A 36 -14.82 21.79 4.57
C PHE A 36 -14.54 23.16 3.97
N SER A 37 -13.38 23.72 4.34
CA SER A 37 -12.94 25.00 3.82
C SER A 37 -11.45 25.24 4.08
N LYS A 38 -10.73 25.66 3.05
CA LYS A 38 -9.29 25.90 3.18
C LYS A 38 -9.03 27.19 3.94
N GLY A 39 -7.77 27.38 4.32
CA GLY A 39 -7.33 28.62 4.91
C GLY A 39 -7.48 28.67 6.41
N ASP A 40 -7.02 29.78 6.98
CA ASP A 40 -7.19 30.03 8.40
C ASP A 40 -8.59 30.56 8.66
N HIS A 41 -9.24 30.01 9.68
CA HIS A 41 -10.56 30.46 10.12
C HIS A 41 -10.49 30.66 11.62
N ILE A 42 -10.26 31.91 12.05
CA ILE A 42 -10.36 32.21 13.47
C ILE A 42 -11.80 32.01 13.91
N ASP A 43 -11.96 31.39 15.09
CA ASP A 43 -13.23 31.04 15.74
C ASP A 43 -13.89 29.81 15.11
N ALA A 44 -13.22 29.12 14.20
CA ALA A 44 -13.82 27.93 13.58
C ALA A 44 -13.94 26.77 14.55
N ALA A 45 -13.23 26.83 15.68
CA ALA A 45 -13.33 25.79 16.70
C ALA A 45 -14.58 25.93 17.58
N LYS A 46 -15.28 27.06 17.49
CA LYS A 46 -16.46 27.29 18.32
C LYS A 46 -17.72 26.78 17.63
N SER A 47 -18.72 26.42 18.44
CA SER A 47 -19.97 25.92 17.89
C SER A 47 -20.67 26.98 17.06
N GLU A 48 -20.90 28.15 17.64
CA GLU A 48 -21.48 29.29 16.93
C GLU A 48 -20.45 29.84 15.96
N PHE A 49 -20.59 29.49 14.68
CA PHE A 49 -19.66 29.94 13.66
C PHE A 49 -20.35 29.89 12.30
N GLU A 50 -20.24 30.97 11.54
CA GLU A 50 -20.90 31.04 10.23
C GLU A 50 -20.24 30.08 9.24
N ASP A 51 -20.75 28.86 9.15
CA ASP A 51 -20.27 27.87 8.18
C ASP A 51 -21.31 27.55 7.13
N SER A 52 -22.34 28.39 6.98
CA SER A 52 -23.49 28.07 6.14
C SER A 52 -23.08 27.85 4.69
N ARG A 53 -22.10 28.63 4.21
CA ARG A 53 -21.67 28.55 2.82
C ARG A 53 -20.49 27.60 2.60
N TRP A 54 -20.04 26.89 3.64
CA TRP A 54 -18.93 25.97 3.49
C TRP A 54 -19.31 24.81 2.58
N ARG A 55 -18.32 24.28 1.88
CA ARG A 55 -18.55 23.19 0.94
C ARG A 55 -18.94 21.91 1.68
N LYS A 56 -19.97 21.24 1.18
CA LYS A 56 -20.44 19.99 1.76
C LYS A 56 -19.77 18.81 1.08
N LEU A 57 -19.38 17.81 1.88
CA LEU A 57 -18.76 16.60 1.35
C LEU A 57 -18.82 15.51 2.40
N ASP A 58 -18.55 14.28 1.95
CA ASP A 58 -18.44 13.12 2.82
C ASP A 58 -16.99 12.66 2.88
N LEU A 59 -16.64 12.01 3.98
CA LEU A 59 -15.32 11.45 4.17
C LEU A 59 -15.27 10.02 3.65
N PRO A 60 -14.08 9.48 3.33
CA PRO A 60 -12.74 10.09 3.39
C PRO A 60 -12.52 11.12 2.28
N HIS A 61 -11.58 12.03 2.51
CA HIS A 61 -11.38 13.16 1.60
C HIS A 61 -9.92 13.57 1.61
N ASP A 62 -9.40 13.89 0.43
CA ASP A 62 -8.01 14.32 0.24
C ASP A 62 -8.05 15.55 -0.66
N TRP A 63 -7.87 16.73 -0.07
CA TRP A 63 -8.00 17.97 -0.82
C TRP A 63 -6.83 18.22 -1.74
N ALA A 64 -5.67 17.60 -1.48
CA ALA A 64 -4.50 17.84 -2.30
C ALA A 64 -4.67 17.27 -3.70
N ILE A 65 -5.34 16.12 -3.82
CA ILE A 65 -5.54 15.51 -5.13
C ILE A 65 -6.49 16.33 -5.99
N GLU A 66 -7.28 17.22 -5.38
CA GLU A 66 -8.13 18.10 -6.15
C GLU A 66 -7.33 19.15 -6.91
N GLY A 67 -6.07 19.35 -6.54
CA GLY A 67 -5.18 20.21 -7.27
C GLY A 67 -5.47 21.69 -7.08
N PRO A 68 -5.13 22.50 -8.09
CA PRO A 68 -4.50 22.00 -9.33
C PRO A 68 -3.01 21.76 -9.18
N PHE A 69 -2.40 21.12 -10.18
CA PHE A 69 -0.95 21.06 -10.23
C PHE A 69 -0.38 22.46 -10.34
N ASP A 70 0.71 22.72 -9.62
CA ASP A 70 1.33 24.03 -9.64
C ASP A 70 2.84 23.86 -9.45
N LYS A 71 3.61 24.53 -10.31
CA LYS A 71 5.07 24.46 -10.23
C LYS A 71 5.60 25.00 -8.91
N ALA A 72 4.77 25.70 -8.14
CA ALA A 72 5.18 26.16 -6.82
C ALA A 72 5.20 25.05 -5.79
N TYR A 73 4.66 23.88 -6.12
CA TYR A 73 4.72 22.72 -5.25
C TYR A 73 5.74 21.73 -5.80
N SER A 74 6.56 21.17 -4.90
CA SER A 74 7.65 20.30 -5.31
C SER A 74 7.13 19.03 -5.97
N ALA A 75 7.72 18.68 -7.12
CA ALA A 75 7.37 17.44 -7.80
C ALA A 75 7.72 16.21 -6.97
N ARG A 76 8.58 16.37 -5.96
CA ARG A 76 8.85 15.28 -5.02
C ARG A 76 7.57 14.88 -4.28
N ASN A 77 6.68 15.84 -4.04
CA ASN A 77 5.39 15.58 -3.41
C ASN A 77 4.26 15.57 -4.42
N GLY A 78 4.57 15.47 -5.71
CA GLY A 78 3.57 15.38 -6.76
C GLY A 78 3.15 16.69 -7.38
N GLY A 79 3.74 17.80 -6.96
CA GLY A 79 3.35 19.09 -7.49
C GLY A 79 1.92 19.49 -7.15
N LEU A 80 1.40 18.98 -6.05
CA LEU A 80 0.03 19.22 -5.61
C LEU A 80 0.04 19.89 -4.23
N PRO A 81 -1.04 20.59 -3.86
CA PRO A 81 -1.04 21.35 -2.59
C PRO A 81 -1.16 20.47 -1.35
N VAL A 82 -0.05 19.89 -0.91
CA VAL A 82 -0.07 18.91 0.18
C VAL A 82 0.22 19.60 1.51
N PHE A 83 0.17 20.93 1.53
CA PHE A 83 0.38 21.67 2.76
C PHE A 83 -0.53 22.89 2.77
N GLY A 84 -0.66 23.49 3.96
CA GLY A 84 -1.52 24.62 4.19
C GLY A 84 -2.64 24.29 5.15
N THR A 85 -3.17 25.31 5.82
CA THR A 85 -4.22 25.11 6.81
C THR A 85 -5.57 24.89 6.14
N ALA A 86 -6.38 24.01 6.73
CA ALA A 86 -7.75 23.78 6.27
C ALA A 86 -8.57 23.28 7.45
N TRP A 87 -9.89 23.48 7.35
CA TRP A 87 -10.79 23.15 8.45
C TRP A 87 -11.91 22.22 7.97
N TYR A 88 -12.31 21.30 8.85
CA TYR A 88 -13.51 20.50 8.66
C TYR A 88 -14.47 20.79 9.81
N ARG A 89 -15.76 20.73 9.51
CA ARG A 89 -16.79 20.91 10.52
C ARG A 89 -17.96 19.98 10.22
N LYS A 90 -18.60 19.49 11.29
CA LYS A 90 -19.75 18.61 11.13
C LYS A 90 -20.74 18.87 12.25
N HIS A 91 -22.00 19.07 11.88
CA HIS A 91 -23.09 19.21 12.83
C HIS A 91 -23.79 17.87 12.98
N PHE A 92 -23.93 17.41 14.21
CA PHE A 92 -24.54 16.11 14.47
C PHE A 92 -25.36 16.15 15.74
N THR A 93 -26.45 15.40 15.76
CA THR A 93 -27.35 15.31 16.89
C THR A 93 -27.51 13.85 17.28
N LEU A 94 -27.44 13.57 18.59
CA LEU A 94 -27.57 12.22 19.11
C LEU A 94 -28.99 11.97 19.61
N PRO A 95 -29.48 10.74 19.50
CA PRO A 95 -30.82 10.43 20.00
C PRO A 95 -30.89 10.62 21.51
N LYS A 96 -32.13 10.81 22.00
CA LYS A 96 -32.31 10.96 23.45
C LYS A 96 -32.04 9.67 24.21
N SER A 97 -31.93 8.54 23.52
CA SER A 97 -31.56 7.29 24.18
C SER A 97 -30.08 7.23 24.53
N THR A 98 -29.27 8.20 24.08
CA THR A 98 -27.87 8.25 24.44
C THR A 98 -27.64 8.83 25.82
N LEU A 99 -28.69 9.21 26.53
CA LEU A 99 -28.55 9.74 27.88
C LEU A 99 -27.91 8.70 28.80
N GLY A 100 -26.89 9.11 29.54
CA GLY A 100 -26.18 8.20 30.41
C GLY A 100 -25.32 7.18 29.70
N LYS A 101 -24.91 7.47 28.46
CA LYS A 101 -24.12 6.53 27.67
C LYS A 101 -22.75 7.14 27.35
N SER A 102 -21.82 6.27 26.98
CA SER A 102 -20.49 6.68 26.55
C SER A 102 -20.49 6.89 25.04
N VAL A 103 -19.84 7.96 24.59
CA VAL A 103 -19.77 8.30 23.18
C VAL A 103 -18.33 8.60 22.83
N SER A 104 -17.78 7.87 21.86
CA SER A 104 -16.40 8.05 21.43
C SER A 104 -16.35 8.15 19.91
N ILE A 105 -15.38 8.91 19.42
CA ILE A 105 -15.14 9.07 17.98
C ILE A 105 -13.72 8.61 17.68
N THR A 106 -13.56 7.90 16.57
CA THR A 106 -12.26 7.42 16.11
C THR A 106 -11.98 7.96 14.72
N PHE A 107 -10.85 8.65 14.56
CA PHE A 107 -10.33 9.02 13.25
C PHE A 107 -9.24 8.03 12.89
N ASP A 108 -9.43 7.26 11.82
CA ASP A 108 -8.42 6.28 11.43
C ASP A 108 -7.15 6.93 10.90
N GLY A 109 -7.23 8.19 10.47
CA GLY A 109 -6.05 8.88 9.98
C GLY A 109 -6.36 10.26 9.41
N ALA A 110 -5.51 11.24 9.73
CA ALA A 110 -5.72 12.60 9.26
C ALA A 110 -4.36 13.22 8.98
N MET A 111 -4.22 13.80 7.78
CA MET A 111 -2.93 14.26 7.27
C MET A 111 -2.98 15.78 7.06
N SER A 112 -2.26 16.53 7.88
CA SER A 112 -1.55 16.06 9.07
C SER A 112 -1.59 17.18 10.10
N ASN A 113 -1.01 16.97 11.28
CA ASN A 113 -1.03 17.95 12.37
C ASN A 113 -2.47 18.36 12.70
N THR A 114 -3.19 17.41 13.28
CA THR A 114 -4.64 17.50 13.43
C THR A 114 -5.02 17.99 14.82
N GLU A 115 -5.95 18.94 14.88
CA GLU A 115 -6.55 19.41 16.12
C GLU A 115 -8.06 19.26 16.02
N VAL A 116 -8.66 18.61 17.02
CA VAL A 116 -10.07 18.28 17.01
C VAL A 116 -10.76 19.00 18.16
N PHE A 117 -11.90 19.63 17.88
CA PHE A 117 -12.69 20.33 18.87
C PHE A 117 -14.11 19.78 18.87
N VAL A 118 -14.69 19.66 20.06
CA VAL A 118 -16.07 19.24 20.23
C VAL A 118 -16.77 20.32 21.05
N ASN A 119 -17.69 21.05 20.42
CA ASN A 119 -18.41 22.14 21.06
C ASN A 119 -17.46 23.15 21.70
N GLY A 120 -16.36 23.44 20.99
CA GLY A 120 -15.37 24.39 21.46
C GLY A 120 -14.28 23.80 22.34
N ASN A 121 -14.45 22.57 22.81
CA ASN A 121 -13.46 21.93 23.68
C ASN A 121 -12.43 21.19 22.86
N LYS A 122 -11.15 21.49 23.09
CA LYS A 122 -10.07 20.81 22.39
C LYS A 122 -9.88 19.41 22.95
N VAL A 123 -9.90 18.41 22.08
CA VAL A 123 -9.85 17.02 22.52
C VAL A 123 -8.72 16.22 21.89
N ILE A 124 -8.11 16.69 20.80
CA ILE A 124 -7.07 15.93 20.12
C ILE A 124 -6.06 16.92 19.55
N SER A 125 -4.77 16.58 19.68
CA SER A 125 -3.68 17.34 19.06
C SER A 125 -2.61 16.32 18.66
N ARG A 126 -2.77 15.74 17.47
CA ARG A 126 -1.93 14.64 17.02
C ARG A 126 -1.20 14.99 15.73
N PRO A 127 0.12 15.15 15.74
CA PRO A 127 0.83 15.50 14.50
C PRO A 127 0.89 14.35 13.49
N PHE A 128 1.03 13.10 13.95
CA PHE A 128 1.25 11.98 13.04
C PHE A 128 0.03 11.78 12.14
N GLY A 129 0.29 11.72 10.83
CA GLY A 129 -0.79 11.62 9.87
C GLY A 129 -1.18 10.23 9.44
N TYR A 130 -0.47 9.20 9.91
CA TYR A 130 -0.72 7.83 9.48
C TYR A 130 -1.21 6.94 10.63
N ILE A 131 -1.66 7.54 11.72
CA ILE A 131 -2.06 6.77 12.89
C ILE A 131 -3.52 7.08 13.21
N ALA A 132 -4.22 6.07 13.72
CA ALA A 132 -5.59 6.23 14.17
C ALA A 132 -5.59 6.71 15.62
N PHE A 133 -6.51 7.61 15.93
CA PHE A 133 -6.66 8.09 17.30
C PHE A 133 -8.13 8.15 17.67
N GLU A 134 -8.41 7.86 18.94
CA GLU A 134 -9.75 7.84 19.49
C GLU A 134 -9.83 8.83 20.65
N PHE A 135 -11.00 9.45 20.80
CA PHE A 135 -11.19 10.44 21.86
C PHE A 135 -12.60 10.34 22.41
N ASP A 136 -12.70 10.26 23.74
CA ASP A 136 -13.99 10.31 24.40
C ASP A 136 -14.59 11.72 24.27
N ILE A 137 -15.86 11.79 23.85
CA ILE A 137 -16.55 13.06 23.72
C ILE A 137 -17.69 13.21 24.72
N THR A 138 -17.93 12.20 25.55
CA THR A 138 -18.99 12.29 26.56
C THR A 138 -18.92 13.56 27.42
N PRO A 139 -17.76 14.00 27.92
CA PRO A 139 -17.76 15.21 28.77
C PRO A 139 -18.11 16.50 28.03
N TYR A 140 -18.07 16.50 26.70
CA TYR A 140 -18.21 17.72 25.93
C TYR A 140 -19.51 17.79 25.12
N LEU A 141 -20.35 16.77 25.19
CA LEU A 141 -21.60 16.76 24.43
C LEU A 141 -22.63 17.67 25.08
N ASN A 142 -23.47 18.27 24.23
CA ASN A 142 -24.66 18.95 24.72
C ASN A 142 -25.71 17.92 25.12
N SER A 143 -26.86 18.41 25.55
CA SER A 143 -27.91 17.50 26.02
C SER A 143 -28.38 16.61 24.88
N PRO A 144 -28.73 15.35 25.16
CA PRO A 144 -29.25 14.47 24.11
C PRO A 144 -30.45 15.09 23.40
N GLY A 145 -30.37 15.17 22.07
CA GLY A 145 -31.37 15.81 21.27
C GLY A 145 -30.97 17.17 20.73
N ASP A 146 -29.97 17.80 21.33
CA ASP A 146 -29.46 19.09 20.88
C ASP A 146 -28.26 18.90 19.96
N GLU A 147 -28.05 19.87 19.08
CA GLU A 147 -27.02 19.73 18.06
C GLU A 147 -25.62 19.88 18.65
N ASN A 148 -24.68 19.11 18.12
CA ASN A 148 -23.26 19.23 18.45
C ASN A 148 -22.47 19.55 17.20
N VAL A 149 -21.35 20.25 17.37
CA VAL A 149 -20.45 20.59 16.28
C VAL A 149 -19.06 20.07 16.63
N ILE A 150 -18.45 19.36 15.70
CA ILE A 150 -17.07 18.92 15.79
C ILE A 150 -16.25 19.67 14.75
N SER A 151 -15.10 20.21 15.15
CA SER A 151 -14.26 21.01 14.28
C SER A 151 -12.88 20.37 14.20
N VAL A 152 -12.37 20.24 12.98
CA VAL A 152 -11.07 19.63 12.72
C VAL A 152 -10.20 20.63 11.98
N LYS A 153 -9.06 20.98 12.58
CA LYS A 153 -8.07 21.82 11.95
C LYS A 153 -6.84 20.99 11.61
N LEU A 154 -6.41 21.07 10.35
CA LEU A 154 -5.20 20.39 9.89
C LEU A 154 -4.23 21.44 9.37
N SER A 155 -2.96 21.32 9.77
CA SER A 155 -1.92 22.27 9.38
C SER A 155 -0.69 21.53 8.87
N PRO A 156 -0.81 20.84 7.73
CA PRO A 156 0.38 20.23 7.13
C PRO A 156 1.35 21.29 6.63
N GLU A 157 2.63 20.96 6.71
CA GLU A 157 3.70 21.88 6.33
C GLU A 157 4.39 21.40 5.06
N ASN A 158 4.91 22.35 4.30
CA ASN A 158 5.77 22.03 3.17
C ASN A 158 7.09 21.44 3.68
N TYR A 159 7.81 20.77 2.78
CA TYR A 159 9.12 20.18 3.09
C TYR A 159 9.01 19.14 4.20
N SER A 160 7.96 18.32 4.15
CA SER A 160 7.68 17.37 5.21
C SER A 160 7.57 15.92 4.76
N ALA A 161 7.60 15.65 3.46
CA ALA A 161 7.43 14.29 2.98
C ALA A 161 8.33 14.04 1.78
N ARG A 162 8.81 12.81 1.66
CA ARG A 162 9.61 12.39 0.52
C ARG A 162 8.74 11.81 -0.60
N TRP A 163 7.42 11.77 -0.42
CA TRP A 163 6.50 11.31 -1.45
C TRP A 163 5.19 12.06 -1.27
N TYR A 164 4.22 11.76 -2.12
CA TYR A 164 2.91 12.39 -2.01
C TYR A 164 2.18 11.89 -0.78
N SER A 165 1.86 12.80 0.14
CA SER A 165 1.16 12.44 1.36
C SER A 165 -0.35 12.65 1.26
N GLY A 166 -0.81 13.50 0.35
CA GLY A 166 -2.17 13.99 0.40
C GLY A 166 -2.35 14.92 1.59
N ALA A 167 -3.62 15.33 1.79
CA ALA A 167 -3.94 16.24 2.89
C ALA A 167 -5.42 16.16 3.18
N GLY A 168 -5.77 16.01 4.46
CA GLY A 168 -7.14 16.00 4.92
C GLY A 168 -7.44 14.76 5.74
N ILE A 169 -8.73 14.54 5.98
CA ILE A 169 -9.19 13.37 6.73
C ILE A 169 -9.35 12.26 5.69
N TYR A 170 -8.25 11.56 5.40
CA TYR A 170 -8.17 10.65 4.28
C TYR A 170 -8.52 9.21 4.65
N ARG A 171 -8.67 8.89 5.93
CA ARG A 171 -9.09 7.58 6.38
C ARG A 171 -10.47 7.68 7.02
N ASN A 172 -11.12 6.52 7.18
CA ASN A 172 -12.50 6.49 7.64
C ASN A 172 -12.61 6.97 9.09
N THR A 173 -13.79 7.45 9.44
CA THR A 173 -14.10 7.92 10.78
C THR A 173 -15.26 7.11 11.34
N TRP A 174 -15.32 7.01 12.67
CA TRP A 174 -16.27 6.13 13.33
C TRP A 174 -16.82 6.75 14.60
N LEU A 175 -18.09 6.50 14.86
CA LEU A 175 -18.77 6.94 16.07
C LEU A 175 -19.36 5.72 16.78
N GLU A 176 -19.16 5.65 18.09
CA GLU A 176 -19.65 4.51 18.87
C GLU A 176 -20.33 4.98 20.13
N ILE A 177 -21.53 4.44 20.38
CA ILE A 177 -22.26 4.67 21.63
C ILE A 177 -22.10 3.42 22.47
N ASN A 178 -21.61 3.58 23.70
CA ASN A 178 -21.30 2.47 24.57
C ASN A 178 -21.95 2.65 25.93
N ASP A 179 -22.12 1.54 26.63
CA ASP A 179 -22.44 1.59 28.05
C ASP A 179 -21.29 2.23 28.80
N LYS A 180 -21.60 2.85 29.94
CA LYS A 180 -20.56 3.50 30.72
C LYS A 180 -19.50 2.50 31.21
N VAL A 181 -19.85 1.22 31.27
CA VAL A 181 -18.88 0.14 31.45
C VAL A 181 -18.67 -0.50 30.09
N HIS A 182 -17.45 -0.43 29.57
CA HIS A 182 -17.15 -0.95 28.24
C HIS A 182 -15.68 -1.35 28.15
N ILE A 183 -15.36 -2.08 27.11
CA ILE A 183 -13.99 -2.51 26.85
C ILE A 183 -13.23 -1.38 26.16
N LYS A 184 -12.01 -1.13 26.59
CA LYS A 184 -11.18 -0.10 26.00
C LYS A 184 -10.74 -0.51 24.60
N GLN A 185 -10.87 0.39 23.64
CA GLN A 185 -10.46 0.11 22.27
C GLN A 185 -8.96 -0.11 22.21
N TRP A 186 -8.56 -1.10 21.40
CA TRP A 186 -7.16 -1.43 21.10
C TRP A 186 -6.40 -2.01 22.27
N GLU A 187 -7.06 -2.31 23.39
CA GLU A 187 -6.38 -2.91 24.53
C GLU A 187 -6.52 -4.42 24.57
N THR A 188 -7.39 -5.00 23.75
CA THR A 188 -7.55 -6.45 23.69
C THR A 188 -6.44 -7.05 22.84
N PHE A 189 -5.69 -7.99 23.41
CA PHE A 189 -4.49 -8.54 22.80
C PHE A 189 -4.55 -10.06 22.92
N VAL A 190 -4.51 -10.76 21.78
CA VAL A 190 -4.51 -12.21 21.75
C VAL A 190 -3.32 -12.70 20.96
N SER A 191 -2.79 -13.87 21.36
CA SER A 191 -1.66 -14.49 20.68
C SER A 191 -1.70 -15.99 20.96
N THR A 192 -0.86 -16.73 20.25
CA THR A 192 -0.79 -18.19 20.36
C THR A 192 0.61 -18.61 20.79
N PRO A 193 0.87 -18.71 22.10
CA PRO A 193 2.22 -19.10 22.54
C PRO A 193 2.58 -20.54 22.21
N THR A 194 1.61 -21.46 22.22
CA THR A 194 1.87 -22.87 21.98
C THR A 194 0.89 -23.39 20.93
N ILE A 195 1.43 -24.02 19.88
CA ILE A 195 0.64 -24.63 18.83
C ILE A 195 1.13 -26.06 18.61
N THR A 196 0.21 -27.02 18.70
CA THR A 196 0.48 -28.41 18.37
C THR A 196 -0.58 -28.91 17.41
N LYS A 197 -0.36 -30.10 16.86
CA LYS A 197 -1.37 -30.73 16.01
C LYS A 197 -2.67 -30.98 16.77
N ASP A 198 -2.60 -31.12 18.09
CA ASP A 198 -3.78 -31.41 18.90
C ASP A 198 -4.49 -30.15 19.38
N LYS A 199 -3.77 -29.07 19.63
CA LYS A 199 -4.38 -27.90 20.26
C LYS A 199 -3.54 -26.66 20.01
N ALA A 200 -4.17 -25.51 20.19
CA ALA A 200 -3.48 -24.23 20.25
C ALA A 200 -3.89 -23.53 21.53
N ILE A 201 -2.93 -22.93 22.21
CA ILE A 201 -3.16 -22.17 23.42
C ILE A 201 -3.22 -20.70 23.05
N VAL A 202 -4.22 -19.99 23.59
CA VAL A 202 -4.48 -18.60 23.23
C VAL A 202 -4.29 -17.74 24.46
N ASP A 203 -3.24 -16.92 24.45
CA ASP A 203 -3.02 -15.95 25.50
C ASP A 203 -3.87 -14.71 25.25
N TYR A 204 -4.45 -14.17 26.32
CA TYR A 204 -5.47 -13.14 26.18
C TYR A 204 -5.26 -12.04 27.19
N LYS A 205 -5.52 -10.81 26.77
CA LYS A 205 -5.45 -9.65 27.65
C LYS A 205 -6.49 -8.63 27.20
N THR A 206 -7.09 -7.94 28.16
CA THR A 206 -8.07 -6.91 27.85
C THR A 206 -8.13 -5.92 29.02
N THR A 207 -8.76 -4.78 28.76
CA THR A 207 -8.98 -3.75 29.77
C THR A 207 -10.42 -3.30 29.71
N VAL A 208 -11.10 -3.34 30.85
CA VAL A 208 -12.47 -2.84 30.97
C VAL A 208 -12.43 -1.50 31.70
N ILE A 209 -13.22 -0.55 31.22
CA ILE A 209 -13.32 0.78 31.82
C ILE A 209 -14.69 0.90 32.48
N ASN A 210 -14.70 1.42 33.71
CA ASN A 210 -15.95 1.74 34.41
C ASN A 210 -16.00 3.25 34.58
N THR A 211 -16.74 3.92 33.71
CA THR A 211 -16.92 5.37 33.80
C THR A 211 -18.12 5.76 34.66
N GLU A 212 -18.74 4.80 35.34
CA GLU A 212 -19.80 5.12 36.27
C GLU A 212 -19.22 5.67 37.57
N LYS A 213 -19.99 6.51 38.24
CA LYS A 213 -19.58 7.11 39.50
C LYS A 213 -19.89 6.22 40.70
N SER A 214 -20.13 4.93 40.47
CA SER A 214 -20.36 3.97 41.53
C SER A 214 -19.71 2.65 41.14
N SER A 215 -19.60 1.74 42.11
CA SER A 215 -19.09 0.42 41.83
C SER A 215 -20.04 -0.34 40.92
N GLN A 216 -19.48 -1.17 40.04
CA GLN A 216 -20.27 -1.94 39.08
C GLN A 216 -19.87 -3.40 39.13
N PRO A 217 -20.70 -4.27 39.72
CA PRO A 217 -20.45 -5.71 39.64
C PRO A 217 -20.85 -6.23 38.26
N VAL A 218 -19.90 -6.81 37.54
CA VAL A 218 -20.13 -7.29 36.18
C VAL A 218 -19.48 -8.66 36.03
N VAL A 219 -19.81 -9.31 34.91
CA VAL A 219 -19.14 -10.53 34.47
C VAL A 219 -18.53 -10.23 33.11
N ILE A 220 -17.23 -10.45 32.98
CA ILE A 220 -16.52 -10.23 31.74
C ILE A 220 -16.34 -11.58 31.06
N LYS A 221 -17.09 -11.80 29.99
CA LYS A 221 -17.04 -13.06 29.25
C LYS A 221 -16.06 -12.94 28.09
N THR A 222 -15.26 -13.99 27.90
CA THR A 222 -14.27 -14.05 26.83
C THR A 222 -14.47 -15.34 26.05
N SER A 223 -14.90 -15.23 24.79
CA SER A 223 -15.23 -16.38 23.96
C SER A 223 -14.33 -16.42 22.73
N ILE A 224 -13.95 -17.63 22.34
CA ILE A 224 -13.31 -17.88 21.05
C ILE A 224 -14.37 -18.48 20.13
N LYS A 225 -14.62 -17.81 19.01
CA LYS A 225 -15.67 -18.19 18.09
C LYS A 225 -15.06 -18.62 16.76
N SER A 226 -15.47 -19.78 16.26
CA SER A 226 -15.10 -20.17 14.92
C SER A 226 -15.84 -19.29 13.91
N ALA A 227 -15.43 -19.40 12.64
CA ALA A 227 -16.11 -18.65 11.59
C ALA A 227 -17.58 -19.04 11.49
N GLU A 228 -17.91 -20.28 11.85
CA GLU A 228 -19.30 -20.73 11.83
C GLU A 228 -20.06 -20.32 13.09
N GLY A 229 -19.44 -19.57 13.99
CA GLY A 229 -20.10 -19.12 15.21
C GLY A 229 -20.04 -20.07 16.37
N VAL A 230 -19.17 -21.07 16.34
CA VAL A 230 -19.08 -22.06 17.41
C VAL A 230 -18.17 -21.52 18.51
N VAL A 231 -18.69 -21.49 19.74
CA VAL A 231 -17.85 -21.21 20.90
C VAL A 231 -16.95 -22.41 21.13
N VAL A 232 -15.70 -22.33 20.62
CA VAL A 232 -14.76 -23.42 20.83
C VAL A 232 -14.09 -23.35 22.19
N ASP A 233 -14.19 -22.22 22.89
CA ASP A 233 -13.78 -22.11 24.28
C ASP A 233 -14.33 -20.81 24.84
N GLU A 234 -14.48 -20.77 26.16
CA GLU A 234 -15.01 -19.59 26.82
C GLU A 234 -14.63 -19.61 28.29
N VAL A 235 -14.24 -18.46 28.81
CA VAL A 235 -14.02 -18.26 30.24
C VAL A 235 -14.74 -16.97 30.65
N ALA A 236 -14.80 -16.73 31.96
CA ALA A 236 -15.48 -15.55 32.48
C ALA A 236 -14.82 -15.14 33.78
N GLN A 237 -15.14 -13.94 34.23
CA GLN A 237 -14.59 -13.41 35.48
C GLN A 237 -15.63 -12.52 36.14
N ASN A 238 -16.05 -12.90 37.35
CA ASN A 238 -16.91 -12.05 38.16
C ASN A 238 -16.05 -11.03 38.89
N THR A 239 -16.39 -9.76 38.74
CA THR A 239 -15.58 -8.69 39.30
C THR A 239 -16.45 -7.52 39.71
N ILE A 240 -15.98 -6.77 40.69
CA ILE A 240 -16.62 -5.53 41.11
C ILE A 240 -15.71 -4.39 40.67
N LEU A 241 -16.12 -3.68 39.63
CA LEU A 241 -15.32 -2.59 39.11
C LEU A 241 -15.49 -1.36 40.00
N PRO A 242 -14.41 -0.82 40.57
CA PRO A 242 -14.52 0.44 41.31
C PRO A 242 -15.01 1.57 40.41
N ALA A 243 -15.53 2.62 41.05
CA ALA A 243 -16.02 3.76 40.30
C ALA A 243 -14.87 4.47 39.61
N ASN A 244 -15.11 4.91 38.37
CA ASN A 244 -14.13 5.64 37.56
C ASN A 244 -12.79 4.90 37.56
N SER A 245 -12.82 3.66 37.08
CA SER A 245 -11.70 2.74 37.19
C SER A 245 -11.38 2.11 35.84
N GLU A 246 -10.21 1.49 35.79
CA GLU A 246 -9.80 0.60 34.71
C GLU A 246 -9.33 -0.70 35.35
N HIS A 247 -9.66 -1.82 34.72
CA HIS A 247 -9.32 -3.14 35.25
C HIS A 247 -8.72 -3.97 34.13
N LYS A 248 -7.45 -4.34 34.28
CA LYS A 248 -6.81 -5.23 33.32
C LYS A 248 -7.19 -6.67 33.63
N ILE A 249 -7.32 -7.47 32.58
CA ILE A 249 -7.74 -8.86 32.69
C ILE A 249 -6.86 -9.72 31.81
N GLN A 250 -6.44 -10.87 32.35
CA GLN A 250 -5.65 -11.85 31.62
C GLN A 250 -6.38 -13.19 31.65
N GLN A 251 -6.50 -13.82 30.48
CA GLN A 251 -7.11 -15.14 30.40
C GLN A 251 -6.27 -16.03 29.50
N GLN A 252 -6.48 -17.33 29.63
CA GLN A 252 -5.83 -18.33 28.80
C GLN A 252 -6.87 -19.34 28.35
N LEU A 253 -6.95 -19.56 27.04
CA LEU A 253 -7.95 -20.45 26.46
C LEU A 253 -7.26 -21.48 25.57
N LYS A 254 -8.07 -22.38 25.00
CA LYS A 254 -7.56 -23.50 24.24
C LYS A 254 -8.43 -23.71 23.01
N ILE A 255 -7.79 -24.01 21.88
CA ILE A 255 -8.48 -24.35 20.63
C ILE A 255 -8.04 -25.74 20.22
N SER A 256 -8.92 -26.72 20.39
CA SER A 256 -8.60 -28.09 20.02
C SER A 256 -8.71 -28.27 18.51
N GLN A 257 -7.74 -28.98 17.94
CA GLN A 257 -7.65 -29.22 16.51
C GLN A 257 -7.83 -27.92 15.71
N PRO A 258 -6.98 -26.91 15.94
CA PRO A 258 -7.23 -25.60 15.34
C PRO A 258 -6.98 -25.61 13.84
N ARG A 259 -7.89 -24.97 13.11
CA ARG A 259 -7.67 -24.70 11.70
C ARG A 259 -6.72 -23.51 11.58
N LEU A 260 -5.55 -23.76 10.99
CA LEU A 260 -4.49 -22.76 10.98
C LEU A 260 -4.79 -21.64 9.98
N TRP A 261 -4.30 -20.45 10.29
CA TRP A 261 -4.23 -19.37 9.32
C TRP A 261 -2.97 -19.57 8.48
N ASP A 262 -3.12 -19.54 7.16
CA ASP A 262 -2.00 -19.85 6.28
C ASP A 262 -2.15 -19.11 4.97
N THR A 263 -1.04 -18.99 4.24
CA THR A 263 -1.07 -18.37 2.92
C THR A 263 -2.00 -19.12 1.98
N GLU A 264 -2.13 -20.43 2.14
CA GLU A 264 -3.04 -21.23 1.33
C GLU A 264 -4.42 -21.38 1.96
N ASP A 265 -4.60 -20.91 3.20
CA ASP A 265 -5.89 -21.02 3.88
C ASP A 265 -5.99 -19.95 4.97
N PRO A 266 -6.41 -18.72 4.61
CA PRO A 266 -6.44 -17.60 5.57
C PRO A 266 -7.61 -17.65 6.56
N TYR A 267 -7.78 -18.79 7.22
CA TYR A 267 -8.86 -18.95 8.18
C TYR A 267 -8.57 -18.15 9.45
N ARG A 268 -9.59 -17.49 9.97
CA ARG A 268 -9.46 -16.70 11.19
C ARG A 268 -10.58 -17.03 12.16
N TYR A 269 -10.23 -17.14 13.44
CA TYR A 269 -11.20 -17.19 14.52
C TYR A 269 -11.59 -15.77 14.92
N THR A 270 -12.40 -15.65 15.95
CA THR A 270 -12.78 -14.36 16.51
C THR A 270 -12.82 -14.48 18.02
N VAL A 271 -12.22 -13.51 18.70
CA VAL A 271 -12.27 -13.43 20.16
C VAL A 271 -13.30 -12.37 20.53
N VAL A 272 -14.32 -12.77 21.28
CA VAL A 272 -15.44 -11.91 21.63
C VAL A 272 -15.40 -11.67 23.14
N THR A 273 -15.35 -10.40 23.54
CA THR A 273 -15.41 -10.00 24.94
C THR A 273 -16.75 -9.34 25.21
N THR A 274 -17.43 -9.80 26.25
CA THR A 274 -18.77 -9.33 26.57
C THR A 274 -18.82 -8.81 28.00
N VAL A 275 -19.28 -7.58 28.17
CA VAL A 275 -19.53 -7.01 29.49
C VAL A 275 -21.00 -7.28 29.83
N VAL A 276 -21.24 -8.18 30.76
CA VAL A 276 -22.59 -8.53 31.19
C VAL A 276 -22.86 -7.85 32.52
N LYS A 277 -23.94 -7.07 32.58
CA LYS A 277 -24.30 -6.28 33.74
C LYS A 277 -25.77 -6.55 34.04
N ASP A 278 -26.04 -7.09 35.23
CA ASP A 278 -27.39 -7.46 35.63
C ASP A 278 -27.99 -8.48 34.66
N GLY A 279 -27.18 -9.45 34.25
CA GLY A 279 -27.63 -10.50 33.37
C GLY A 279 -27.76 -10.12 31.91
N ASN A 280 -27.50 -8.86 31.55
CA ASN A 280 -27.65 -8.39 30.19
C ASN A 280 -26.29 -7.97 29.63
N ALA A 281 -26.04 -8.34 28.38
CA ALA A 281 -24.83 -7.90 27.70
C ALA A 281 -24.94 -6.43 27.35
N VAL A 282 -24.05 -5.61 27.91
CA VAL A 282 -24.08 -4.17 27.68
C VAL A 282 -22.95 -3.69 26.78
N ASP A 283 -21.94 -4.51 26.52
CA ASP A 283 -20.87 -4.14 25.61
C ASP A 283 -20.25 -5.41 25.02
N VAL A 284 -20.05 -5.41 23.71
CA VAL A 284 -19.50 -6.56 22.99
C VAL A 284 -18.34 -6.06 22.13
N ASN A 285 -17.15 -6.60 22.38
CA ASN A 285 -15.95 -6.26 21.62
C ASN A 285 -15.41 -7.51 20.94
N SER A 286 -15.04 -7.38 19.67
CA SER A 286 -14.56 -8.50 18.88
C SER A 286 -13.21 -8.16 18.26
N VAL A 287 -12.29 -9.12 18.30
CA VAL A 287 -10.99 -8.98 17.65
C VAL A 287 -10.67 -10.25 16.86
N PRO A 288 -9.90 -10.17 15.79
CA PRO A 288 -9.59 -11.36 15.00
C PRO A 288 -8.52 -12.23 15.66
N LEU A 289 -8.54 -13.51 15.29
CA LEU A 289 -7.57 -14.47 15.79
C LEU A 289 -7.21 -15.44 14.68
N GLY A 290 -5.94 -15.42 14.27
CA GLY A 290 -5.39 -16.36 13.33
C GLY A 290 -4.33 -17.22 13.99
N VAL A 291 -4.47 -18.53 13.82
CA VAL A 291 -3.59 -19.51 14.45
C VAL A 291 -2.54 -19.90 13.43
N ARG A 292 -1.29 -19.47 13.67
CA ARG A 292 -0.21 -19.84 12.77
C ARG A 292 1.11 -19.75 13.52
N LYS A 293 2.04 -20.61 13.14
CA LYS A 293 3.38 -20.62 13.72
C LYS A 293 4.32 -19.84 12.83
N ILE A 294 5.02 -18.87 13.41
CA ILE A 294 6.00 -18.05 12.72
C ILE A 294 7.38 -18.39 13.28
N GLU A 295 8.34 -18.61 12.38
CA GLU A 295 9.72 -18.88 12.79
C GLU A 295 10.66 -18.29 11.75
N PHE A 296 11.62 -17.49 12.21
CA PHE A 296 12.64 -16.89 11.35
C PHE A 296 13.95 -17.62 11.61
N LYS A 297 14.39 -18.40 10.64
CA LYS A 297 15.62 -19.18 10.74
C LYS A 297 16.76 -18.40 10.09
N ALA A 298 17.81 -18.12 10.87
CA ALA A 298 18.91 -17.29 10.38
C ALA A 298 19.62 -17.91 9.17
N ASP A 299 19.56 -19.22 9.01
CA ASP A 299 20.22 -19.89 7.90
C ASP A 299 19.24 -20.52 6.92
N ASP A 300 17.95 -20.23 7.04
CA ASP A 300 16.97 -20.91 6.20
C ASP A 300 15.68 -20.11 6.01
N GLY A 301 15.80 -18.78 5.98
CA GLY A 301 14.65 -17.96 5.60
C GLY A 301 13.49 -18.01 6.58
N PHE A 302 12.30 -17.77 6.04
CA PHE A 302 11.08 -17.60 6.82
C PHE A 302 10.23 -18.87 6.71
N TRP A 303 9.72 -19.33 7.87
CA TRP A 303 8.96 -20.56 7.95
C TRP A 303 7.58 -20.25 8.50
N LEU A 304 6.54 -20.70 7.78
CA LEU A 304 5.15 -20.49 8.15
C LEU A 304 4.48 -21.85 8.30
N ASN A 305 4.06 -22.16 9.53
CA ASN A 305 3.40 -23.43 9.84
C ASN A 305 4.28 -24.62 9.44
N ASP A 306 5.56 -24.54 9.84
CA ASP A 306 6.51 -25.67 9.74
C ASP A 306 6.94 -25.97 8.31
N ARG A 307 6.88 -24.97 7.44
CA ARG A 307 7.46 -25.11 6.10
C ARG A 307 7.93 -23.73 5.65
N ARG A 308 9.02 -23.71 4.88
CA ARG A 308 9.59 -22.44 4.44
C ARG A 308 8.70 -21.80 3.38
N VAL A 309 8.50 -20.49 3.52
CA VAL A 309 7.80 -19.68 2.53
C VAL A 309 8.75 -18.57 2.10
N GLN A 310 9.07 -18.53 0.82
CA GLN A 310 9.93 -17.48 0.29
C GLN A 310 9.19 -16.15 0.28
N ILE A 311 9.81 -15.13 0.85
CA ILE A 311 9.19 -13.80 0.93
C ILE A 311 9.34 -13.15 -0.44
N GLN A 312 8.25 -13.13 -1.20
CA GLN A 312 8.18 -12.44 -2.49
C GLN A 312 7.30 -11.21 -2.27
N GLY A 313 7.92 -10.16 -1.75
CA GLY A 313 7.18 -9.00 -1.29
C GLY A 313 7.31 -7.75 -2.13
N VAL A 314 6.38 -6.82 -1.94
CA VAL A 314 6.39 -5.55 -2.63
C VAL A 314 6.13 -4.44 -1.62
N CYS A 315 6.73 -3.28 -1.88
CA CYS A 315 6.50 -2.08 -1.09
C CYS A 315 5.35 -1.31 -1.75
N LEU A 316 4.49 -0.71 -0.94
CA LEU A 316 3.40 0.10 -1.45
C LEU A 316 3.29 1.36 -0.62
N HIS A 317 3.16 2.51 -1.28
CA HIS A 317 2.77 3.71 -0.59
C HIS A 317 1.24 3.75 -0.46
N HIS A 318 0.75 4.64 0.39
CA HIS A 318 -0.65 4.60 0.77
C HIS A 318 -1.60 5.14 -0.29
N ASP A 319 -1.14 5.99 -1.21
CA ASP A 319 -2.09 6.61 -2.14
C ASP A 319 -2.62 5.58 -3.14
N ASN A 320 -3.73 5.94 -3.78
CA ASN A 320 -4.44 5.10 -4.73
C ASN A 320 -4.57 5.77 -6.08
N GLY A 321 -3.50 6.43 -6.54
CA GLY A 321 -3.47 7.03 -7.85
C GLY A 321 -4.46 8.17 -8.00
N PRO A 322 -5.36 8.06 -8.99
CA PRO A 322 -6.34 9.13 -9.21
C PRO A 322 -7.22 9.42 -8.01
N LEU A 323 -7.42 8.45 -7.12
CA LEU A 323 -8.19 8.68 -5.91
C LEU A 323 -7.40 9.47 -4.86
N GLY A 324 -6.12 9.72 -5.09
CA GLY A 324 -5.32 10.38 -4.08
C GLY A 324 -5.05 9.47 -2.90
N ALA A 325 -4.92 10.08 -1.73
CA ALA A 325 -4.57 9.36 -0.51
C ALA A 325 -5.77 8.75 0.22
N ILE A 326 -6.99 8.94 -0.30
CA ILE A 326 -8.16 8.46 0.43
C ILE A 326 -8.16 6.94 0.47
N VAL A 327 -8.66 6.40 1.58
CA VAL A 327 -8.87 4.97 1.67
C VAL A 327 -10.09 4.58 0.85
N ASN A 328 -10.00 3.41 0.22
CA ASN A 328 -11.14 2.80 -0.43
C ASN A 328 -10.94 1.30 -0.38
N THR A 329 -11.91 0.58 0.19
CA THR A 329 -11.75 -0.85 0.38
C THR A 329 -11.52 -1.57 -0.94
N ARG A 330 -12.28 -1.21 -1.98
CA ARG A 330 -12.14 -1.89 -3.26
C ARG A 330 -10.81 -1.53 -3.92
N ALA A 331 -10.41 -0.26 -3.89
CA ALA A 331 -9.13 0.13 -4.47
C ALA A 331 -7.98 -0.65 -3.84
N ILE A 332 -7.98 -0.77 -2.50
CA ILE A 332 -6.94 -1.51 -1.81
C ILE A 332 -6.99 -2.98 -2.18
N GLU A 333 -8.20 -3.56 -2.15
CA GLU A 333 -8.36 -4.97 -2.52
C GLU A 333 -7.86 -5.23 -3.94
N ARG A 334 -8.17 -4.32 -4.86
CA ARG A 334 -7.73 -4.49 -6.24
C ARG A 334 -6.21 -4.47 -6.34
N LYS A 335 -5.56 -3.58 -5.58
CA LYS A 335 -4.10 -3.54 -5.59
C LYS A 335 -3.51 -4.86 -5.08
N LEU A 336 -4.08 -5.41 -4.00
CA LEU A 336 -3.58 -6.67 -3.47
C LEU A 336 -3.87 -7.83 -4.42
N GLU A 337 -4.98 -7.78 -5.15
CA GLU A 337 -5.26 -8.82 -6.15
C GLU A 337 -4.23 -8.78 -7.27
N ILE A 338 -3.87 -7.59 -7.74
CA ILE A 338 -2.93 -7.46 -8.84
C ILE A 338 -1.53 -7.86 -8.40
N MET A 339 -1.17 -7.56 -7.16
CA MET A 339 0.14 -7.96 -6.66
C MET A 339 0.22 -9.46 -6.44
N LYS A 340 -0.88 -10.07 -5.97
CA LYS A 340 -0.91 -11.53 -5.85
C LYS A 340 -0.85 -12.17 -7.23
N GLU A 341 -1.49 -11.56 -8.22
CA GLU A 341 -1.41 -12.06 -9.59
C GLU A 341 0.02 -12.03 -10.11
N MET A 342 0.81 -11.03 -9.70
CA MET A 342 2.22 -10.98 -10.06
C MET A 342 3.02 -12.09 -9.39
N GLY A 343 2.46 -12.74 -8.38
CA GLY A 343 3.17 -13.75 -7.61
C GLY A 343 3.59 -13.29 -6.24
N ALA A 344 3.35 -12.03 -5.88
CA ALA A 344 3.72 -11.54 -4.56
C ALA A 344 2.88 -12.21 -3.48
N ASN A 345 3.48 -12.34 -2.30
CA ASN A 345 2.77 -12.89 -1.14
C ASN A 345 2.97 -12.03 0.11
N SER A 346 3.58 -10.85 -0.03
CA SER A 346 3.85 -10.03 1.14
C SER A 346 3.90 -8.56 0.75
N VAL A 347 3.53 -7.70 1.70
CA VAL A 347 3.48 -6.26 1.51
C VAL A 347 4.20 -5.59 2.66
N ARG A 348 5.05 -4.62 2.34
CA ARG A 348 5.70 -3.76 3.34
C ARG A 348 5.03 -2.39 3.29
N THR A 349 4.46 -1.95 4.42
CA THR A 349 3.75 -0.68 4.48
C THR A 349 4.77 0.45 4.61
N SER A 350 5.28 0.87 3.46
CA SER A 350 6.33 1.87 3.39
C SER A 350 5.73 3.27 3.30
N HIS A 351 6.10 4.15 4.23
CA HIS A 351 6.89 3.80 5.41
C HIS A 351 6.12 4.30 6.63
N ASN A 352 4.99 3.68 6.92
CA ASN A 352 4.00 4.25 7.83
C ASN A 352 2.93 3.20 8.08
N PRO A 353 2.18 3.34 9.18
CA PRO A 353 1.08 2.41 9.44
C PRO A 353 0.04 2.46 8.34
N PRO A 354 -0.47 1.33 7.91
CA PRO A 354 -1.48 1.30 6.85
C PRO A 354 -2.87 1.53 7.42
N SER A 355 -3.84 1.61 6.52
CA SER A 355 -5.23 1.70 6.93
C SER A 355 -5.67 0.37 7.54
N PRO A 356 -6.71 0.40 8.38
CA PRO A 356 -7.26 -0.87 8.89
C PRO A 356 -7.82 -1.75 7.79
N GLU A 357 -8.29 -1.14 6.70
CA GLU A 357 -8.88 -1.91 5.61
C GLU A 357 -7.82 -2.74 4.89
N LEU A 358 -6.62 -2.18 4.71
CA LEU A 358 -5.54 -2.93 4.08
C LEU A 358 -5.20 -4.17 4.90
N VAL A 359 -5.04 -4.00 6.21
CA VAL A 359 -4.65 -5.12 7.06
C VAL A 359 -5.78 -6.16 7.11
N GLU A 360 -7.03 -5.70 7.11
CA GLU A 360 -8.15 -6.63 7.10
C GLU A 360 -8.17 -7.44 5.81
N LEU A 361 -7.92 -6.80 4.67
CA LEU A 361 -7.89 -7.52 3.40
C LEU A 361 -6.71 -8.48 3.36
N ALA A 362 -5.55 -8.07 3.89
CA ALA A 362 -4.39 -8.96 3.93
C ALA A 362 -4.66 -10.17 4.81
N ASP A 363 -5.41 -9.99 5.90
CA ASP A 363 -5.83 -11.11 6.71
C ASP A 363 -6.60 -12.15 5.88
N LYS A 364 -7.57 -11.68 5.10
CA LYS A 364 -8.45 -12.60 4.38
C LYS A 364 -7.86 -13.10 3.08
N MET A 365 -6.85 -12.42 2.54
CA MET A 365 -6.21 -12.83 1.29
C MET A 365 -4.89 -13.55 1.53
N GLY A 366 -4.54 -13.82 2.78
CA GLY A 366 -3.33 -14.57 3.08
C GLY A 366 -2.05 -13.86 2.69
N ILE A 367 -2.03 -12.54 2.84
CA ILE A 367 -0.87 -11.74 2.47
C ILE A 367 -0.10 -11.40 3.74
N LEU A 368 1.17 -11.78 3.78
CA LEU A 368 2.03 -11.46 4.92
C LEU A 368 2.41 -9.99 4.90
N LEU A 369 2.39 -9.37 6.08
CA LEU A 369 2.61 -7.93 6.19
C LEU A 369 3.85 -7.63 7.01
N GLN A 370 4.64 -6.67 6.54
CA GLN A 370 5.65 -6.00 7.35
C GLN A 370 5.13 -4.60 7.60
N VAL A 371 4.61 -4.37 8.81
CA VAL A 371 3.97 -3.11 9.17
C VAL A 371 5.03 -2.18 9.74
N GLU A 372 5.36 -1.13 8.98
CA GLU A 372 6.40 -0.17 9.31
C GLU A 372 5.79 1.04 10.00
N ALA A 373 6.54 1.61 10.93
CA ALA A 373 6.05 2.73 11.74
C ALA A 373 6.54 4.08 11.25
N PHE A 374 7.82 4.21 10.96
CA PHE A 374 8.43 5.50 10.71
C PHE A 374 9.25 5.48 9.44
N ASP A 375 9.43 6.68 8.87
CA ASP A 375 10.44 6.90 7.84
C ASP A 375 11.74 7.30 8.51
N MET A 376 11.91 8.60 8.76
CA MET A 376 13.05 9.11 9.49
C MET A 376 12.77 9.08 11.00
N TRP A 377 13.84 9.27 11.78
CA TRP A 377 13.73 9.35 13.24
C TRP A 377 13.86 10.82 13.66
N GLU A 378 14.75 11.18 14.58
CA GLU A 378 14.83 12.56 15.06
C GLU A 378 15.71 13.45 14.18
N ILE A 379 16.74 12.89 13.56
CA ILE A 379 17.58 13.67 12.65
C ILE A 379 16.88 13.78 11.30
N GLU A 380 16.76 15.00 10.80
CA GLU A 380 16.04 15.23 9.56
C GLU A 380 16.76 14.59 8.37
N LYS A 381 15.98 14.08 7.44
CA LYS A 381 16.57 13.69 6.16
C LYS A 381 16.82 14.94 5.32
N PRO A 382 17.83 14.91 4.44
CA PRO A 382 18.27 16.14 3.78
C PRO A 382 17.13 16.88 3.09
N ALA A 383 17.03 18.18 3.39
CA ALA A 383 16.06 19.14 2.85
C ALA A 383 14.62 18.85 3.27
N VAL A 384 14.37 17.82 4.07
CA VAL A 384 13.03 17.55 4.59
C VAL A 384 12.94 18.10 6.00
N VAL A 385 12.94 19.43 6.12
CA VAL A 385 13.09 20.07 7.43
C VAL A 385 11.85 19.93 8.31
N ASN A 386 10.68 19.67 7.72
CA ASN A 386 9.43 19.67 8.47
C ASN A 386 8.82 18.29 8.61
N GLY A 387 9.60 17.23 8.40
CA GLY A 387 9.09 15.89 8.52
C GLY A 387 8.83 15.50 9.98
N TYR A 388 8.58 14.20 10.16
CA TYR A 388 8.27 13.65 11.48
C TYR A 388 9.41 13.85 12.48
N ASN A 389 10.61 14.21 12.01
CA ASN A 389 11.73 14.46 12.90
C ASN A 389 11.38 15.51 13.96
N LYS A 390 10.58 16.50 13.60
CA LYS A 390 10.21 17.56 14.55
C LYS A 390 9.32 17.04 15.67
N ASP A 391 8.59 15.95 15.45
CA ASP A 391 7.72 15.38 16.47
C ASP A 391 8.28 14.11 17.09
N PHE A 392 9.39 13.59 16.58
CA PHE A 392 9.85 12.26 16.97
C PHE A 392 10.09 12.18 18.48
N ALA A 393 10.83 13.15 19.03
CA ALA A 393 11.21 13.06 20.44
C ALA A 393 9.99 12.96 21.34
N GLN A 394 8.93 13.70 21.03
CA GLN A 394 7.74 13.75 21.87
C GLN A 394 6.76 12.61 21.59
N TRP A 395 6.66 12.16 20.33
CA TRP A 395 5.58 11.29 19.92
C TRP A 395 6.00 9.88 19.51
N HIS A 396 7.31 9.57 19.44
CA HIS A 396 7.72 8.28 18.90
C HIS A 396 7.22 7.12 19.74
N ASP A 397 7.12 7.30 21.05
CA ASP A 397 6.66 6.20 21.91
C ASP A 397 5.19 5.91 21.70
N ARG A 398 4.35 6.96 21.74
CA ARG A 398 2.92 6.75 21.57
C ARG A 398 2.59 6.29 20.15
N ASP A 399 3.24 6.88 19.14
CA ASP A 399 2.92 6.52 17.77
C ASP A 399 3.34 5.09 17.45
N LEU A 400 4.50 4.67 17.95
CA LEU A 400 4.94 3.29 17.74
C LEU A 400 4.06 2.31 18.49
N ARG A 401 3.70 2.62 19.73
CA ARG A 401 2.84 1.72 20.50
C ARG A 401 1.43 1.65 19.91
N ASP A 402 0.92 2.77 19.39
CA ASP A 402 -0.44 2.78 18.86
C ASP A 402 -0.53 1.99 17.57
N MET A 403 0.50 2.04 16.74
CA MET A 403 0.51 1.20 15.55
C MET A 403 0.47 -0.27 15.93
N ILE A 404 1.24 -0.66 16.94
CA ILE A 404 1.27 -2.06 17.37
C ILE A 404 -0.04 -2.44 18.03
N LYS A 405 -0.56 -1.57 18.90
CA LYS A 405 -1.83 -1.87 19.58
C LYS A 405 -2.96 -2.08 18.57
N GLN A 406 -2.91 -1.39 17.44
CA GLN A 406 -4.01 -1.46 16.48
C GLN A 406 -3.95 -2.72 15.63
N TYR A 407 -2.76 -3.29 15.40
CA TYR A 407 -2.62 -4.38 14.44
C TYR A 407 -1.94 -5.62 14.99
N ARG A 408 -1.69 -5.70 16.30
CA ARG A 408 -0.97 -6.85 16.83
C ARG A 408 -1.81 -8.13 16.80
N ASN A 409 -3.14 -8.02 16.69
CA ASN A 409 -4.00 -9.19 16.63
C ASN A 409 -4.18 -9.75 15.22
N ASN A 410 -3.79 -8.99 14.20
CA ASN A 410 -4.00 -9.45 12.83
C ASN A 410 -2.96 -10.50 12.46
N PRO A 411 -3.37 -11.72 12.07
CA PRO A 411 -2.38 -12.77 11.77
C PRO A 411 -1.56 -12.49 10.53
N SER A 412 -1.98 -11.57 9.66
CA SER A 412 -1.19 -11.26 8.47
C SER A 412 0.11 -10.55 8.83
N VAL A 413 0.12 -9.84 9.96
CA VAL A 413 1.35 -9.17 10.40
C VAL A 413 2.33 -10.21 10.90
N ILE A 414 3.50 -10.28 10.27
CA ILE A 414 4.55 -11.20 10.67
C ILE A 414 5.76 -10.50 11.25
N MET A 415 5.88 -9.18 11.12
CA MET A 415 6.99 -8.45 11.69
C MET A 415 6.68 -6.96 11.70
N TRP A 416 7.26 -6.27 12.67
CA TRP A 416 7.22 -4.81 12.72
C TRP A 416 8.50 -4.22 12.16
N SER A 417 8.42 -2.96 11.75
CA SER A 417 9.59 -2.19 11.36
C SER A 417 9.55 -0.85 12.06
N ILE A 418 10.72 -0.40 12.54
CA ILE A 418 10.82 0.82 13.32
C ILE A 418 11.32 2.01 12.52
N GLY A 419 11.84 1.80 11.31
CA GLY A 419 12.30 2.92 10.51
C GLY A 419 12.75 2.46 9.14
N ASN A 420 13.14 3.44 8.33
CA ASN A 420 13.63 3.18 6.99
C ASN A 420 14.71 4.18 6.64
N GLU A 421 15.93 3.70 6.43
CA GLU A 421 17.06 4.51 5.97
C GLU A 421 17.26 5.74 6.86
N VAL A 422 17.18 5.52 8.17
CA VAL A 422 17.24 6.62 9.12
C VAL A 422 18.62 7.26 9.10
N MET A 423 18.67 8.56 9.41
CA MET A 423 19.92 9.28 9.42
C MET A 423 20.83 8.88 10.57
N GLU A 424 20.28 8.24 11.60
CA GLU A 424 21.06 7.80 12.75
C GLU A 424 22.01 6.66 12.41
N GLN A 425 21.99 6.15 11.17
CA GLN A 425 22.89 5.07 10.80
C GLN A 425 24.35 5.50 10.87
N ARG A 426 24.64 6.77 10.63
CA ARG A 426 26.02 7.26 10.65
C ARG A 426 26.35 8.03 11.92
N LYS A 427 25.55 7.86 12.98
CA LYS A 427 25.81 8.48 14.27
C LYS A 427 26.42 7.45 15.21
N ASP A 428 27.36 7.90 16.06
CA ASP A 428 27.98 7.00 17.01
C ASP A 428 26.97 6.41 17.98
N ASP A 429 25.98 7.21 18.39
CA ASP A 429 24.96 6.76 19.33
C ASP A 429 23.66 6.37 18.63
N GLY A 430 23.68 6.20 17.31
CA GLY A 430 22.46 5.85 16.60
C GLY A 430 21.90 4.49 17.00
N TRP A 431 22.77 3.57 17.43
CA TRP A 431 22.30 2.25 17.83
C TRP A 431 21.42 2.31 19.07
N LYS A 432 21.61 3.32 19.91
CA LYS A 432 20.80 3.45 21.13
C LYS A 432 19.34 3.68 20.79
N VAL A 433 19.07 4.54 19.80
CA VAL A 433 17.69 4.80 19.41
C VAL A 433 17.05 3.54 18.86
N ALA A 434 17.76 2.81 18.00
CA ALA A 434 17.24 1.56 17.46
C ALA A 434 16.92 0.58 18.58
N LYS A 435 17.85 0.41 19.53
CA LYS A 435 17.61 -0.49 20.65
C LYS A 435 16.39 -0.03 21.46
N ASN A 436 16.29 1.28 21.71
CA ASN A 436 15.16 1.79 22.48
C ASN A 436 13.85 1.63 21.73
N LEU A 437 13.84 1.92 20.42
CA LEU A 437 12.63 1.71 19.63
C LEU A 437 12.24 0.24 19.59
N GLN A 438 13.22 -0.65 19.39
CA GLN A 438 12.93 -2.07 19.39
C GLN A 438 12.47 -2.54 20.76
N ARG A 439 12.99 -1.95 21.84
CA ARG A 439 12.51 -2.26 23.18
C ARG A 439 11.03 -1.93 23.33
N ILE A 440 10.61 -0.79 22.78
CA ILE A 440 9.22 -0.38 22.86
C ILE A 440 8.32 -1.36 22.11
N ALA A 441 8.75 -1.81 20.94
CA ALA A 441 7.96 -2.78 20.19
C ALA A 441 7.85 -4.10 20.93
N HIS A 442 8.96 -4.58 21.50
CA HIS A 442 8.93 -5.81 22.27
C HIS A 442 8.03 -5.69 23.49
N ASP A 443 7.98 -4.51 24.09
CA ASP A 443 7.13 -4.32 25.27
C ASP A 443 5.66 -4.38 24.89
N GLU A 444 5.27 -3.70 23.80
CA GLU A 444 3.86 -3.67 23.40
C GLU A 444 3.45 -5.00 22.78
N ASP A 445 4.35 -5.63 22.02
CA ASP A 445 4.08 -6.92 21.39
C ASP A 445 5.29 -7.82 21.55
N PRO A 446 5.34 -8.60 22.63
CA PRO A 446 6.48 -9.51 22.82
C PRO A 446 6.51 -10.71 21.90
N THR A 447 5.57 -10.84 20.96
CA THR A 447 5.43 -12.04 20.16
C THR A 447 5.99 -11.90 18.75
N ARG A 448 6.47 -10.73 18.36
CA ARG A 448 6.93 -10.51 16.99
C ARG A 448 8.34 -9.94 16.97
N LEU A 449 9.07 -10.28 15.91
CA LEU A 449 10.40 -9.73 15.70
C LEU A 449 10.31 -8.37 15.00
N VAL A 450 11.39 -7.61 15.10
CA VAL A 450 11.44 -6.23 14.60
C VAL A 450 12.57 -6.10 13.60
N THR A 451 12.30 -5.37 12.52
CA THR A 451 13.29 -5.08 11.50
C THR A 451 13.39 -3.56 11.31
N ASN A 452 14.26 -3.15 10.39
CA ASN A 452 14.59 -1.75 10.18
C ASN A 452 15.34 -1.61 8.86
N GLY A 453 14.91 -0.68 8.01
CA GLY A 453 15.50 -0.54 6.70
C GLY A 453 16.88 0.10 6.70
N LEU A 454 17.92 -0.74 6.68
CA LEU A 454 19.30 -0.26 6.70
C LEU A 454 19.82 -0.04 5.29
N SER A 455 20.50 1.10 5.10
CA SER A 455 20.92 1.51 3.76
C SER A 455 22.33 2.08 3.69
N MET A 456 22.87 2.64 4.76
CA MET A 456 24.16 3.33 4.72
C MET A 456 25.27 2.35 5.10
N TYR A 457 25.90 1.76 4.10
CA TYR A 457 27.00 0.80 4.15
C TYR A 457 28.34 1.55 4.11
N PRO A 458 29.31 1.16 4.95
CA PRO A 458 29.18 0.11 5.96
C PRO A 458 28.76 0.62 7.33
N ASP A 459 28.13 1.80 7.36
CA ASP A 459 27.85 2.47 8.63
C ASP A 459 26.97 1.61 9.54
N PHE A 460 25.90 1.03 8.99
CA PHE A 460 25.00 0.26 9.86
C PHE A 460 25.66 -1.00 10.42
N ILE A 461 26.80 -1.40 9.89
CA ILE A 461 27.60 -2.45 10.50
C ILE A 461 28.60 -1.87 11.50
N ASP A 462 29.36 -0.86 11.07
CA ASP A 462 30.41 -0.28 11.92
C ASP A 462 29.83 0.26 13.22
N LYS A 463 28.73 1.01 13.14
CA LYS A 463 28.18 1.69 14.31
C LYS A 463 27.12 0.86 15.04
N GLY A 464 26.98 -0.41 14.68
CA GLY A 464 26.27 -1.37 15.52
C GLY A 464 24.76 -1.35 15.46
N MET A 465 24.15 -0.61 14.53
CA MET A 465 22.69 -0.60 14.46
C MET A 465 22.16 -1.96 14.04
N ALA A 466 22.81 -2.59 13.06
CA ALA A 466 22.38 -3.91 12.60
C ALA A 466 22.50 -4.96 13.70
N GLN A 467 23.48 -4.79 14.60
CA GLN A 467 23.66 -5.74 15.68
C GLN A 467 22.47 -5.74 16.65
N GLU A 468 21.78 -4.60 16.75
CA GLU A 468 20.68 -4.47 17.71
C GLU A 468 19.35 -5.02 17.20
N MET A 469 19.20 -5.20 15.89
CA MET A 469 17.91 -5.56 15.32
C MET A 469 17.66 -7.06 15.37
N ASP A 470 16.40 -7.43 15.60
CA ASP A 470 16.02 -8.84 15.48
C ASP A 470 16.25 -9.34 14.07
N ILE A 471 15.75 -8.62 13.08
CA ILE A 471 15.91 -8.97 11.67
C ILE A 471 16.68 -7.84 11.00
N VAL A 472 17.80 -8.18 10.36
CA VAL A 472 18.62 -7.21 9.65
C VAL A 472 17.98 -6.94 8.30
N GLY A 473 17.42 -5.74 8.13
CA GLY A 473 16.81 -5.36 6.88
C GLY A 473 17.75 -4.59 5.97
N LEU A 474 18.09 -5.18 4.83
CA LEU A 474 19.07 -4.61 3.91
C LEU A 474 18.37 -3.96 2.73
N ASN A 475 18.68 -2.69 2.49
CA ASN A 475 18.13 -1.94 1.36
C ASN A 475 19.19 -1.87 0.26
N TYR A 476 18.92 -2.56 -0.85
CA TYR A 476 19.77 -2.53 -2.04
C TYR A 476 21.21 -2.97 -1.73
N LYS A 477 21.32 -4.16 -1.16
CA LYS A 477 22.62 -4.72 -0.80
C LYS A 477 22.75 -6.18 -1.24
N ALA A 478 22.03 -6.55 -2.31
CA ALA A 478 21.99 -7.95 -2.73
C ALA A 478 23.39 -8.49 -3.02
N TYR A 479 24.20 -7.71 -3.73
CA TYR A 479 25.57 -8.13 -4.05
C TYR A 479 26.49 -8.12 -2.83
N LYS A 480 25.98 -7.77 -1.65
CA LYS A 480 26.72 -7.88 -0.41
C LYS A 480 26.17 -8.97 0.51
N TYR A 481 25.16 -9.72 0.07
CA TYR A 481 24.52 -10.71 0.93
C TYR A 481 25.53 -11.74 1.42
N GLN A 482 26.36 -12.27 0.52
CA GLN A 482 27.29 -13.33 0.91
C GLN A 482 28.33 -12.80 1.90
N GLU A 483 28.92 -11.64 1.61
CA GLU A 483 29.93 -11.09 2.50
C GLU A 483 29.34 -10.79 3.88
N ILE A 484 28.14 -10.20 3.91
CA ILE A 484 27.53 -9.85 5.19
C ILE A 484 27.17 -11.10 5.97
N LYS A 485 26.59 -12.10 5.31
CA LYS A 485 26.19 -13.30 6.02
C LYS A 485 27.39 -14.08 6.54
N GLN A 486 28.51 -14.06 5.81
CA GLN A 486 29.69 -14.80 6.26
C GLN A 486 30.33 -14.14 7.47
N ALA A 487 30.27 -12.81 7.54
CA ALA A 487 30.87 -12.13 8.68
C ALA A 487 29.96 -12.19 9.91
N HIS A 488 28.66 -12.37 9.70
CA HIS A 488 27.68 -12.41 10.79
C HIS A 488 26.70 -13.56 10.53
N PRO A 489 27.09 -14.79 10.88
CA PRO A 489 26.26 -15.95 10.49
C PRO A 489 24.92 -16.00 11.18
N ASP A 490 24.83 -15.56 12.43
CA ASP A 490 23.59 -15.73 13.17
C ASP A 490 22.57 -14.62 12.89
N TRP A 491 22.84 -13.76 11.92
CA TRP A 491 21.92 -12.67 11.60
C TRP A 491 20.73 -13.19 10.79
N ILE A 492 19.55 -12.69 11.12
CA ILE A 492 18.36 -12.92 10.31
C ILE A 492 18.23 -11.77 9.32
N ILE A 493 18.27 -12.11 8.03
CA ILE A 493 18.43 -11.11 6.98
C ILE A 493 17.22 -11.14 6.04
N VAL A 494 16.77 -9.96 5.64
CA VAL A 494 15.74 -9.78 4.62
C VAL A 494 16.10 -8.56 3.78
N GLY A 495 15.74 -8.60 2.49
CA GLY A 495 15.81 -7.42 1.66
C GLY A 495 14.59 -6.54 1.86
N THR A 496 14.70 -5.57 2.77
CA THR A 496 13.56 -4.70 3.06
C THR A 496 13.20 -3.80 1.88
N GLU A 497 14.17 -3.50 1.02
CA GLU A 497 13.93 -2.64 -0.14
C GLU A 497 14.92 -3.03 -1.22
N THR A 498 14.43 -3.50 -2.37
CA THR A 498 15.27 -4.11 -3.38
C THR A 498 15.02 -3.50 -4.75
N SER A 499 16.03 -3.62 -5.61
CA SER A 499 16.02 -3.15 -6.99
C SER A 499 15.94 -1.63 -7.09
N SER A 500 14.71 -1.09 -7.17
CA SER A 500 14.44 0.32 -7.49
C SER A 500 14.79 0.66 -8.94
N VAL A 501 14.68 -0.32 -9.84
CA VAL A 501 14.71 -0.02 -11.26
C VAL A 501 13.46 0.77 -11.63
N VAL A 502 13.57 1.63 -12.65
CA VAL A 502 12.45 2.46 -13.07
C VAL A 502 12.14 2.19 -14.53
N SER A 503 10.89 2.43 -14.91
CA SER A 503 10.44 2.27 -16.29
C SER A 503 9.07 2.92 -16.42
N THR A 504 8.68 3.16 -17.67
CA THR A 504 7.38 3.71 -18.01
C THR A 504 6.64 2.73 -18.92
N ARG A 505 5.37 2.51 -18.65
CA ARG A 505 4.58 1.59 -19.46
C ARG A 505 4.53 2.09 -20.91
N GLY A 506 4.82 1.19 -21.84
CA GLY A 506 4.71 1.49 -23.26
C GLY A 506 5.86 2.26 -23.87
N VAL A 507 6.91 2.57 -23.12
CA VAL A 507 8.03 3.38 -23.59
C VAL A 507 9.23 2.48 -23.83
N TYR A 508 9.82 2.59 -25.02
CA TYR A 508 11.01 1.83 -25.36
C TYR A 508 12.03 2.74 -26.04
N HIS A 509 13.26 2.70 -25.56
CA HIS A 509 14.34 3.52 -26.09
C HIS A 509 15.43 2.62 -26.66
N PHE A 510 16.05 3.07 -27.75
CA PHE A 510 17.05 2.28 -28.44
C PHE A 510 18.30 3.10 -28.66
N PRO A 511 19.50 2.50 -28.54
CA PRO A 511 19.70 1.09 -28.13
C PRO A 511 19.57 0.91 -26.63
N ILE A 512 19.62 -0.34 -26.16
CA ILE A 512 19.45 -0.65 -24.75
C ILE A 512 20.75 -0.31 -24.03
N GLU A 513 20.78 0.88 -23.42
CA GLU A 513 21.96 1.37 -22.73
C GLU A 513 21.53 1.99 -21.41
N LYS A 514 22.49 2.14 -20.49
CA LYS A 514 22.22 2.70 -19.17
C LYS A 514 22.48 4.20 -19.19
N TYR A 515 21.50 4.95 -19.71
CA TYR A 515 21.55 6.40 -19.59
C TYR A 515 21.05 6.81 -18.20
N ASN A 516 21.10 8.10 -17.92
N ASN A 516 21.12 8.10 -17.92
CA ASN A 516 20.63 8.63 -16.65
CA ASN A 516 20.64 8.65 -16.65
C ASN A 516 19.23 9.23 -16.74
C ASN A 516 19.22 9.20 -16.77
N LYS A 517 19.00 10.10 -17.72
CA LYS A 517 17.68 10.67 -17.98
C LYS A 517 17.42 10.59 -19.48
N HIS A 518 16.16 10.80 -19.84
CA HIS A 518 15.77 10.86 -21.24
C HIS A 518 15.04 12.17 -21.49
N GLU A 519 15.09 12.63 -22.75
CA GLU A 519 14.43 13.88 -23.10
C GLU A 519 12.92 13.79 -22.96
N SER A 520 12.36 12.59 -23.07
CA SER A 520 10.92 12.39 -23.02
C SER A 520 10.34 12.49 -21.62
N LYS A 521 11.20 12.55 -20.59
CA LYS A 521 10.78 12.50 -19.19
C LYS A 521 10.12 11.17 -18.83
N TYR A 522 10.38 10.14 -19.63
CA TYR A 522 9.95 8.77 -19.35
C TYR A 522 11.16 7.85 -19.40
N VAL A 523 10.99 6.61 -18.94
CA VAL A 523 12.08 5.65 -18.81
C VAL A 523 11.78 4.42 -19.65
N THR A 524 12.80 3.90 -20.32
CA THR A 524 12.63 2.75 -21.20
C THR A 524 12.12 1.54 -20.44
N SER A 525 11.18 0.82 -21.04
CA SER A 525 10.59 -0.35 -20.42
C SER A 525 11.43 -1.61 -20.59
N PHE A 526 12.66 -1.49 -21.08
CA PHE A 526 13.57 -2.64 -21.09
C PHE A 526 14.18 -2.90 -19.73
N ASP A 527 13.94 -2.02 -18.76
CA ASP A 527 14.26 -2.24 -17.34
C ASP A 527 15.76 -2.35 -17.11
N VAL A 528 16.47 -1.26 -17.44
CA VAL A 528 17.90 -1.18 -17.16
C VAL A 528 18.29 0.10 -16.44
N ILE A 529 17.44 1.11 -16.42
CA ILE A 529 17.78 2.39 -15.80
C ILE A 529 17.59 2.29 -14.28
N THR A 530 18.64 2.63 -13.54
CA THR A 530 18.60 2.56 -12.08
C THR A 530 19.31 3.77 -11.47
N PRO A 531 18.78 4.33 -10.39
CA PRO A 531 19.50 5.34 -9.63
C PRO A 531 20.82 4.79 -9.09
N PRO A 532 21.72 5.67 -8.66
CA PRO A 532 23.06 5.20 -8.21
C PRO A 532 23.02 4.15 -7.10
N TRP A 533 21.97 4.10 -6.29
CA TRP A 533 21.87 3.12 -5.22
C TRP A 533 21.12 1.86 -5.63
N ALA A 534 20.72 1.75 -6.89
CA ALA A 534 19.76 0.75 -7.32
C ALA A 534 20.40 -0.27 -8.26
N TYR A 535 19.64 -1.32 -8.57
CA TYR A 535 20.06 -2.34 -9.52
C TYR A 535 18.82 -3.03 -10.10
N ILE A 536 19.03 -3.77 -11.18
CA ILE A 536 17.95 -4.46 -11.87
C ILE A 536 17.47 -5.62 -11.00
N PRO A 537 16.23 -6.08 -11.17
CA PRO A 537 15.76 -7.21 -10.35
C PRO A 537 16.53 -8.49 -10.58
N ASP A 538 17.15 -8.65 -11.76
CA ASP A 538 17.92 -9.85 -12.04
C ASP A 538 19.02 -10.04 -11.00
N LEU A 539 19.67 -8.94 -10.59
CA LEU A 539 20.75 -9.04 -9.61
C LEU A 539 20.21 -9.43 -8.23
N GLU A 540 18.96 -9.07 -7.93
CA GLU A 540 18.37 -9.50 -6.67
C GLU A 540 18.01 -10.97 -6.72
N PHE A 541 17.41 -11.43 -7.83
CA PHE A 541 17.09 -12.85 -7.99
C PHE A 541 18.36 -13.69 -7.87
N GLU A 542 19.46 -13.20 -8.46
CA GLU A 542 20.71 -13.97 -8.47
C GLU A 542 21.30 -14.09 -7.07
N ASN A 543 21.33 -13.00 -6.32
CA ASN A 543 21.92 -13.03 -5.00
C ASN A 543 21.00 -13.70 -3.98
N LEU A 544 19.68 -13.65 -4.20
CA LEU A 544 18.78 -14.43 -3.35
C LEU A 544 18.93 -15.92 -3.59
N LYS A 545 19.21 -16.30 -4.84
CA LYS A 545 19.43 -17.70 -5.16
C LYS A 545 20.76 -18.18 -4.59
N ASN A 546 21.80 -17.35 -4.68
CA ASN A 546 23.12 -17.73 -4.20
C ASN A 546 23.28 -17.60 -2.69
N ASN A 547 22.32 -16.98 -2.01
CA ASN A 547 22.33 -16.84 -0.56
C ASN A 547 20.97 -17.22 -0.02
N PRO A 548 20.63 -18.51 -0.02
CA PRO A 548 19.26 -18.93 0.33
C PRO A 548 18.88 -18.66 1.77
N SER A 549 19.82 -18.28 2.63
CA SER A 549 19.46 -17.95 4.01
C SER A 549 18.66 -16.66 4.10
N VAL A 550 18.78 -15.76 3.12
CA VAL A 550 17.96 -14.56 3.09
C VAL A 550 16.52 -14.96 2.78
N MET A 551 15.58 -14.50 3.60
CA MET A 551 14.22 -14.99 3.53
C MET A 551 13.47 -14.48 2.29
N GLY A 552 13.89 -13.35 1.72
CA GLY A 552 13.22 -12.84 0.55
C GLY A 552 13.49 -11.34 0.38
N GLU A 553 12.57 -10.69 -0.34
CA GLU A 553 12.78 -9.31 -0.75
C GLU A 553 11.45 -8.56 -0.76
N TYR A 554 11.55 -7.23 -0.67
CA TYR A 554 10.42 -6.33 -0.85
C TYR A 554 10.82 -5.30 -1.89
N ILE A 555 10.28 -5.43 -3.11
CA ILE A 555 10.71 -4.60 -4.21
C ILE A 555 10.14 -3.19 -4.08
N TRP A 556 10.84 -2.24 -4.68
CA TRP A 556 10.43 -0.83 -4.70
C TRP A 556 10.20 -0.42 -6.15
N THR A 557 8.94 -0.37 -6.60
CA THR A 557 7.77 -0.72 -5.81
C THR A 557 6.84 -1.65 -6.59
N GLY A 558 5.77 -2.10 -5.95
CA GLY A 558 4.74 -2.86 -6.65
C GLY A 558 3.88 -1.98 -7.53
N PHE A 559 3.41 -0.87 -6.97
CA PHE A 559 2.62 0.11 -7.68
C PHE A 559 3.40 1.41 -7.79
N ASP A 560 3.18 2.12 -8.90
CA ASP A 560 3.64 3.50 -8.99
C ASP A 560 2.88 4.34 -7.97
N TYR A 561 3.54 5.39 -7.48
CA TYR A 561 2.93 6.30 -6.51
C TYR A 561 3.21 7.73 -6.93
N ILE A 562 2.40 8.65 -6.40
CA ILE A 562 2.56 10.06 -6.74
C ILE A 562 3.78 10.62 -6.02
N GLY A 563 4.54 11.46 -6.72
CA GLY A 563 5.77 12.00 -6.19
C GLY A 563 6.99 11.20 -6.63
N GLU A 564 8.14 11.61 -6.10
CA GLU A 564 9.46 11.03 -6.33
C GLU A 564 9.66 10.58 -7.78
N PRO A 565 9.74 11.52 -8.73
CA PRO A 565 9.83 11.12 -10.15
C PRO A 565 11.23 10.71 -10.58
N THR A 566 12.04 10.25 -9.63
CA THR A 566 13.40 9.80 -9.93
C THR A 566 13.39 8.84 -11.11
N PRO A 567 14.32 9.00 -12.08
CA PRO A 567 15.48 9.90 -12.14
C PRO A 567 15.17 11.35 -12.49
N TYR A 568 13.90 11.67 -12.70
CA TYR A 568 13.52 13.04 -13.03
C TYR A 568 13.22 13.83 -11.76
N GLY A 569 13.50 15.13 -11.83
CA GLY A 569 13.32 15.99 -10.66
C GLY A 569 14.44 15.94 -9.64
N GLY A 570 14.86 14.74 -9.24
CA GLY A 570 15.95 14.63 -8.29
C GLY A 570 16.08 13.21 -7.77
N ARG A 571 17.00 13.06 -6.82
CA ARG A 571 17.26 11.81 -6.14
C ARG A 571 17.00 11.97 -4.65
N ASP A 572 16.51 10.90 -4.02
CA ASP A 572 16.03 11.00 -2.65
C ASP A 572 17.11 11.48 -1.70
N HIS A 573 18.34 11.00 -1.86
CA HIS A 573 19.39 11.29 -0.90
C HIS A 573 20.13 12.58 -1.18
N GLY A 574 19.63 13.42 -2.09
CA GLY A 574 20.16 14.75 -2.28
C GLY A 574 19.65 15.74 -1.25
N ASN A 575 20.27 16.91 -1.22
N ASN A 575 20.28 16.91 -1.23
CA ASN A 575 19.93 17.96 -0.26
CA ASN A 575 19.95 17.98 -0.28
C ASN A 575 19.16 19.11 -0.91
C ASN A 575 19.23 19.13 -0.98
N LYS A 576 18.34 18.80 -1.91
CA LYS A 576 17.51 19.80 -2.59
C LYS A 576 16.08 19.29 -2.59
N PHE A 577 15.16 20.09 -2.05
CA PHE A 577 13.79 19.58 -1.90
C PHE A 577 12.91 19.81 -3.13
N TYR A 578 13.13 20.88 -3.89
CA TYR A 578 12.29 21.15 -5.05
C TYR A 578 12.85 20.43 -6.26
N TRP A 579 12.01 19.57 -6.84
CA TRP A 579 12.39 18.68 -7.94
C TRP A 579 11.69 19.08 -9.25
N ASN A 580 11.63 20.38 -9.53
CA ASN A 580 10.81 20.87 -10.62
C ASN A 580 11.61 21.21 -11.88
N GLN A 581 12.89 20.81 -11.93
CA GLN A 581 13.66 21.03 -13.15
C GLN A 581 13.09 20.24 -14.31
N ASP A 582 12.54 19.05 -14.05
CA ASP A 582 11.95 18.21 -15.08
C ASP A 582 10.43 18.27 -15.09
N TRP A 583 9.86 19.40 -14.67
CA TRP A 583 8.41 19.57 -14.70
C TRP A 583 7.88 19.35 -16.11
N PRO A 584 6.72 18.69 -16.28
CA PRO A 584 5.78 18.24 -15.24
C PRO A 584 5.95 16.78 -14.79
N ALA A 585 7.17 16.29 -14.66
CA ALA A 585 7.38 14.95 -14.11
C ALA A 585 7.11 14.98 -12.62
N ARG A 586 6.03 14.33 -12.20
CA ARG A 586 5.60 14.40 -10.81
C ARG A 586 5.21 13.05 -10.19
N SER A 587 5.20 11.97 -10.96
CA SER A 587 4.84 10.66 -10.46
C SER A 587 6.02 9.71 -10.64
N SER A 588 6.01 8.62 -9.87
CA SER A 588 7.15 7.73 -9.81
C SER A 588 7.21 6.81 -11.03
N SER A 589 8.34 6.12 -11.16
CA SER A 589 8.52 5.07 -12.16
C SER A 589 9.04 3.78 -11.55
N PHE A 590 9.10 3.68 -10.22
CA PHE A 590 9.61 2.49 -9.57
C PHE A 590 8.65 1.31 -9.64
N GLY A 591 7.38 1.55 -9.96
CA GLY A 591 6.37 0.52 -9.80
C GLY A 591 6.44 -0.53 -10.89
N ALA A 592 6.16 -1.79 -10.51
CA ALA A 592 5.98 -2.84 -11.49
C ALA A 592 4.69 -2.65 -12.29
N VAL A 593 3.72 -1.91 -11.73
CA VAL A 593 2.55 -1.47 -12.48
C VAL A 593 2.46 0.04 -12.30
N ASP A 594 1.66 0.68 -13.15
CA ASP A 594 1.60 2.13 -13.16
C ASP A 594 0.59 2.62 -12.13
N LEU A 595 0.24 3.92 -12.21
CA LEU A 595 -0.54 4.55 -11.15
C LEU A 595 -1.95 3.97 -11.04
N VAL A 596 -2.49 3.41 -12.11
CA VAL A 596 -3.82 2.82 -12.09
C VAL A 596 -3.76 1.30 -12.17
N GLY A 597 -2.58 0.72 -12.06
CA GLY A 597 -2.45 -0.73 -12.01
C GLY A 597 -2.26 -1.41 -13.34
N PHE A 598 -2.04 -0.66 -14.41
CA PHE A 598 -1.73 -1.27 -15.70
C PHE A 598 -0.38 -1.96 -15.61
N LYS A 599 -0.31 -3.21 -16.07
CA LYS A 599 0.91 -4.00 -15.96
C LYS A 599 1.98 -3.46 -16.88
N LYS A 600 3.17 -3.19 -16.32
CA LYS A 600 4.34 -2.91 -17.12
C LYS A 600 5.03 -4.22 -17.52
N ASP A 601 6.01 -4.10 -18.42
CA ASP A 601 6.84 -5.26 -18.74
C ASP A 601 7.50 -5.81 -17.48
N ARG A 602 7.77 -4.94 -16.51
CA ARG A 602 8.32 -5.39 -15.23
C ARG A 602 7.40 -6.38 -14.53
N PHE A 603 6.08 -6.20 -14.67
CA PHE A 603 5.13 -7.10 -14.02
C PHE A 603 5.35 -8.54 -14.46
N TYR A 604 5.57 -8.77 -15.74
CA TYR A 604 5.74 -10.12 -16.25
C TYR A 604 7.12 -10.68 -15.92
N LEU A 605 8.13 -9.81 -15.76
CA LEU A 605 9.43 -10.28 -15.31
C LEU A 605 9.32 -10.90 -13.91
N TYR A 606 8.59 -10.24 -13.01
CA TYR A 606 8.41 -10.79 -11.67
C TYR A 606 7.51 -12.02 -11.70
N GLN A 607 6.49 -12.01 -12.56
CA GLN A 607 5.65 -13.19 -12.72
C GLN A 607 6.46 -14.39 -13.19
N SER A 608 7.51 -14.16 -13.99
CA SER A 608 8.36 -15.25 -14.44
C SER A 608 9.21 -15.83 -13.31
N GLN A 609 9.42 -15.07 -12.24
CA GLN A 609 10.22 -15.53 -11.11
C GLN A 609 9.38 -15.99 -9.92
N TRP A 610 8.13 -15.54 -9.82
CA TRP A 610 7.34 -15.73 -8.62
C TRP A 610 6.13 -16.63 -8.81
N THR A 611 5.75 -16.97 -10.03
CA THR A 611 4.60 -17.84 -10.27
C THR A 611 5.03 -19.12 -10.98
N LYS A 612 4.20 -20.15 -10.85
CA LYS A 612 4.45 -21.43 -11.49
C LYS A 612 3.56 -21.70 -12.70
N LYS A 613 2.43 -21.02 -12.81
CA LYS A 613 1.55 -21.20 -13.97
C LYS A 613 2.29 -20.80 -15.24
N PRO A 614 2.30 -21.65 -16.27
CA PRO A 614 3.10 -21.36 -17.47
C PRO A 614 2.69 -20.05 -18.12
N MET A 615 3.69 -19.20 -18.41
CA MET A 615 3.44 -17.93 -19.06
C MET A 615 4.64 -17.57 -19.92
N VAL A 616 4.41 -16.67 -20.87
CA VAL A 616 5.48 -16.08 -21.67
C VAL A 616 5.07 -14.66 -22.03
N HIS A 617 6.03 -13.75 -22.01
CA HIS A 617 5.80 -12.34 -22.30
C HIS A 617 6.92 -11.84 -23.18
N VAL A 618 6.58 -11.00 -24.16
CA VAL A 618 7.55 -10.48 -25.12
C VAL A 618 7.40 -8.97 -25.17
N LEU A 619 8.53 -8.27 -25.34
CA LEU A 619 8.60 -6.83 -25.49
C LEU A 619 9.70 -6.52 -26.50
N PRO A 620 9.58 -5.40 -27.23
CA PRO A 620 8.52 -4.38 -27.15
C PRO A 620 7.31 -4.76 -27.99
N HIS A 621 6.43 -3.79 -28.23
CA HIS A 621 5.38 -3.96 -29.22
C HIS A 621 6.01 -3.95 -30.62
N TRP A 622 5.17 -4.14 -31.64
CA TRP A 622 5.63 -4.29 -33.01
C TRP A 622 5.08 -3.18 -33.91
N ASN A 623 5.10 -1.94 -33.43
CA ASN A 623 4.69 -0.78 -34.22
C ASN A 623 5.86 0.20 -34.24
N TRP A 624 6.72 0.06 -35.24
CA TRP A 624 7.93 0.88 -35.38
C TRP A 624 8.12 1.27 -36.83
N PRO A 625 7.27 2.17 -37.34
CA PRO A 625 7.32 2.50 -38.78
C PRO A 625 8.61 3.16 -39.23
N GLU A 626 9.35 3.80 -38.32
N GLU A 626 9.34 3.81 -38.32
CA GLU A 626 10.62 4.44 -38.64
CA GLU A 626 10.62 4.44 -38.66
C GLU A 626 11.80 3.48 -38.52
C GLU A 626 11.79 3.49 -38.50
N LYS A 627 11.54 2.18 -38.35
CA LYS A 627 12.59 1.20 -38.14
C LYS A 627 12.57 0.09 -39.20
N VAL A 628 11.89 0.32 -40.33
CA VAL A 628 11.78 -0.72 -41.35
C VAL A 628 13.17 -1.07 -41.87
N GLY A 629 13.48 -2.37 -41.88
CA GLY A 629 14.78 -2.85 -42.30
C GLY A 629 15.88 -2.71 -41.28
N GLU A 630 15.62 -2.07 -40.15
CA GLU A 630 16.64 -1.86 -39.12
C GLU A 630 16.56 -2.93 -38.04
N THR A 631 17.64 -3.03 -37.26
CA THR A 631 17.69 -4.02 -36.20
C THR A 631 17.01 -3.50 -34.94
N ILE A 632 16.34 -4.40 -34.22
CA ILE A 632 15.59 -4.04 -33.03
C ILE A 632 15.76 -5.14 -31.99
N PRO A 633 15.96 -4.81 -30.72
CA PRO A 633 16.02 -5.84 -29.68
C PRO A 633 14.64 -6.33 -29.29
N VAL A 634 14.59 -7.62 -28.95
CA VAL A 634 13.37 -8.27 -28.49
C VAL A 634 13.69 -9.06 -27.24
N PHE A 635 12.92 -8.84 -26.17
CA PHE A 635 13.09 -9.55 -24.92
C PHE A 635 11.91 -10.50 -24.70
N ALA A 636 12.18 -11.59 -24.00
CA ALA A 636 11.14 -12.55 -23.63
C ALA A 636 11.33 -12.97 -22.18
N TYR A 637 10.25 -12.87 -21.40
CA TYR A 637 10.22 -13.30 -20.01
C TYR A 637 9.32 -14.52 -19.90
N THR A 638 9.80 -15.55 -19.20
CA THR A 638 9.03 -16.79 -19.08
C THR A 638 9.49 -17.55 -17.85
N ASN A 639 8.61 -18.41 -17.35
CA ASN A 639 8.98 -19.41 -16.37
C ASN A 639 9.16 -20.79 -16.99
N ALA A 640 9.06 -20.89 -18.32
CA ALA A 640 9.32 -22.13 -19.03
C ALA A 640 10.82 -22.31 -19.23
N GLU A 641 11.17 -23.37 -19.97
CA GLU A 641 12.57 -23.71 -20.18
C GLU A 641 13.17 -22.99 -21.38
N GLU A 642 12.45 -22.97 -22.50
CA GLU A 642 12.94 -22.37 -23.73
C GLU A 642 11.86 -21.47 -24.33
N VAL A 643 12.31 -20.55 -25.18
CA VAL A 643 11.41 -19.69 -25.95
C VAL A 643 11.97 -19.55 -27.36
N GLU A 644 11.12 -19.71 -28.37
CA GLU A 644 11.48 -19.48 -29.75
C GLU A 644 10.74 -18.25 -30.25
N LEU A 645 11.46 -17.33 -30.88
CA LEU A 645 10.89 -16.09 -31.38
C LEU A 645 10.68 -16.21 -32.88
N PHE A 646 9.50 -15.79 -33.33
CA PHE A 646 9.15 -15.78 -34.75
C PHE A 646 8.80 -14.37 -35.18
N VAL A 647 9.30 -13.97 -36.35
CA VAL A 647 9.01 -12.67 -36.94
C VAL A 647 8.39 -12.93 -38.30
N ASN A 648 7.09 -12.64 -38.42
CA ASN A 648 6.34 -12.89 -39.65
C ASN A 648 6.50 -14.34 -40.11
N GLY A 649 6.42 -15.27 -39.17
CA GLY A 649 6.51 -16.67 -39.45
C GLY A 649 7.92 -17.24 -39.49
N GLN A 650 8.94 -16.39 -39.56
CA GLN A 650 10.32 -16.84 -39.67
C GLN A 650 10.95 -16.95 -38.29
N SER A 651 11.49 -18.13 -37.98
CA SER A 651 12.12 -18.35 -36.69
C SER A 651 13.42 -17.57 -36.58
N LYS A 652 13.65 -17.00 -35.40
CA LYS A 652 14.87 -16.24 -35.13
C LYS A 652 15.73 -16.89 -34.07
N GLY A 653 15.44 -18.14 -33.71
CA GLY A 653 16.23 -18.85 -32.73
C GLY A 653 15.41 -19.34 -31.54
N ARG A 654 15.72 -20.53 -31.06
CA ARG A 654 15.06 -21.12 -29.90
C ARG A 654 16.07 -21.10 -28.75
N LYS A 655 15.91 -20.11 -27.86
CA LYS A 655 16.85 -19.89 -26.77
C LYS A 655 16.43 -20.67 -25.53
N ARG A 656 17.41 -20.96 -24.66
CA ARG A 656 17.18 -21.70 -23.42
C ARG A 656 17.45 -20.79 -22.24
N LYS A 657 16.43 -20.60 -21.40
CA LYS A 657 16.55 -19.68 -20.28
C LYS A 657 17.57 -20.21 -19.28
N GLY A 658 18.44 -19.32 -18.80
CA GLY A 658 19.52 -19.69 -17.90
C GLY A 658 20.81 -20.04 -18.61
N GLU A 659 20.74 -20.55 -19.83
CA GLU A 659 21.92 -20.87 -20.62
C GLU A 659 22.29 -19.73 -21.58
N ASP A 660 21.30 -19.12 -22.22
CA ASP A 660 21.53 -17.99 -23.11
C ASP A 660 21.27 -16.71 -22.30
N LYS A 661 22.30 -16.29 -21.57
CA LYS A 661 22.16 -15.17 -20.66
C LYS A 661 22.14 -13.85 -21.43
N VAL A 662 21.57 -12.83 -20.81
CA VAL A 662 21.47 -11.50 -21.38
C VAL A 662 22.40 -10.58 -20.61
N ARG A 663 23.34 -9.97 -21.33
CA ARG A 663 24.29 -9.03 -20.72
C ARG A 663 23.61 -7.68 -20.60
N LEU A 664 23.56 -7.14 -19.38
CA LEU A 664 22.91 -5.87 -19.12
C LEU A 664 23.84 -4.97 -18.32
N PRO A 665 23.88 -3.67 -18.64
CA PRO A 665 24.74 -2.76 -17.89
C PRO A 665 24.21 -2.52 -16.49
N VAL A 666 25.14 -2.37 -15.54
CA VAL A 666 24.82 -2.11 -14.14
C VAL A 666 25.78 -1.05 -13.62
N SER A 667 25.44 -0.51 -12.44
CA SER A 667 26.31 0.44 -11.75
C SER A 667 26.00 0.33 -10.26
N LEU A 668 26.83 -0.42 -9.53
CA LEU A 668 26.57 -0.74 -8.14
C LEU A 668 27.27 0.28 -7.24
N ARG A 669 26.52 0.82 -6.27
CA ARG A 669 27.05 1.88 -5.42
C ARG A 669 28.29 1.41 -4.65
N TYR A 670 28.20 0.26 -4.00
CA TYR A 670 29.28 -0.26 -3.17
C TYR A 670 30.03 -1.40 -3.85
N ASP A 671 30.15 -1.35 -5.17
CA ASP A 671 30.98 -2.28 -5.94
C ASP A 671 31.19 -1.72 -7.34
N LYS A 672 32.09 -0.74 -7.47
CA LYS A 672 32.27 -0.04 -8.73
C LYS A 672 33.01 -0.85 -9.78
N SER A 673 33.52 -2.03 -9.42
CA SER A 673 34.20 -2.87 -10.40
C SER A 673 33.24 -3.58 -11.34
N VAL A 674 31.99 -3.77 -10.94
CA VAL A 674 31.00 -4.48 -11.75
C VAL A 674 30.37 -3.48 -12.71
N LYS A 675 30.54 -3.72 -14.01
CA LYS A 675 29.94 -2.89 -15.04
C LYS A 675 28.78 -3.57 -15.78
N TYR A 676 28.74 -4.89 -15.80
CA TYR A 676 27.70 -5.62 -16.51
C TYR A 676 27.33 -6.87 -15.71
N PHE A 677 26.14 -7.40 -16.00
CA PHE A 677 25.68 -8.63 -15.39
C PHE A 677 25.02 -9.50 -16.45
N ASP A 678 25.47 -10.76 -16.54
CA ASP A 678 24.90 -11.72 -17.48
C ASP A 678 23.71 -12.40 -16.80
N SER A 679 22.51 -11.92 -17.09
CA SER A 679 21.33 -12.35 -16.35
C SER A 679 20.76 -13.63 -16.97
N PRO A 680 20.53 -14.66 -16.16
CA PRO A 680 19.86 -15.87 -16.66
C PRO A 680 18.34 -15.79 -16.54
N TYR A 681 17.83 -14.58 -16.37
CA TYR A 681 16.41 -14.37 -16.11
C TYR A 681 15.67 -13.69 -17.26
N ARG A 682 16.35 -13.40 -18.37
CA ARG A 682 15.71 -12.87 -19.56
C ARG A 682 16.26 -13.58 -20.78
N LEU A 683 15.59 -13.38 -21.92
CA LEU A 683 16.05 -13.90 -23.19
C LEU A 683 16.02 -12.76 -24.22
N ARG A 684 17.07 -12.69 -25.04
CA ARG A 684 17.23 -11.57 -25.97
C ARG A 684 17.48 -12.09 -27.38
N TRP A 685 16.80 -11.45 -28.34
CA TRP A 685 17.10 -11.55 -29.75
C TRP A 685 17.36 -10.15 -30.29
N ASP A 686 17.96 -10.10 -31.47
CA ASP A 686 18.11 -8.85 -32.23
C ASP A 686 17.78 -9.17 -33.67
N VAL A 687 16.62 -8.70 -34.13
CA VAL A 687 16.08 -9.10 -35.42
C VAL A 687 15.84 -7.87 -36.27
N GLU A 688 15.63 -8.10 -37.56
CA GLU A 688 15.26 -7.01 -38.46
C GLU A 688 13.76 -6.74 -38.34
N TYR A 689 13.41 -5.48 -38.10
CA TYR A 689 12.01 -5.12 -37.97
C TYR A 689 11.34 -5.06 -39.33
N GLN A 690 10.24 -5.79 -39.48
CA GLN A 690 9.35 -5.69 -40.62
C GLN A 690 7.93 -5.78 -40.05
N PRO A 691 7.02 -4.92 -40.52
CA PRO A 691 5.66 -4.93 -39.96
C PRO A 691 4.96 -6.25 -40.23
N GLY A 692 4.01 -6.58 -39.35
CA GLY A 692 3.29 -7.83 -39.44
C GLY A 692 2.91 -8.36 -38.07
N GLU A 693 3.72 -9.28 -37.55
CA GLU A 693 3.49 -9.81 -36.22
C GLU A 693 4.75 -10.51 -35.72
N ILE A 694 4.88 -10.58 -34.41
CA ILE A 694 5.89 -11.41 -33.76
C ILE A 694 5.16 -12.41 -32.90
N LYS A 695 5.84 -13.52 -32.60
CA LYS A 695 5.27 -14.56 -31.76
C LYS A 695 6.40 -15.26 -31.01
N VAL A 696 6.16 -15.48 -29.71
CA VAL A 696 7.08 -16.24 -28.87
C VAL A 696 6.38 -17.54 -28.48
N VAL A 697 7.11 -18.65 -28.57
CA VAL A 697 6.60 -19.98 -28.24
C VAL A 697 7.44 -20.51 -27.09
N ALA A 698 6.78 -20.76 -25.95
CA ALA A 698 7.47 -21.20 -24.75
C ALA A 698 7.43 -22.72 -24.64
N TYR A 699 8.59 -23.33 -24.41
CA TYR A 699 8.72 -24.77 -24.34
C TYR A 699 9.16 -25.21 -22.95
N THR A 700 8.55 -26.28 -22.46
CA THR A 700 9.02 -26.99 -21.27
C THR A 700 8.94 -28.48 -21.55
N ASN A 701 10.05 -29.18 -21.35
CA ASN A 701 10.15 -30.60 -21.70
C ASN A 701 9.78 -30.83 -23.17
N ASP A 702 10.25 -29.94 -24.03
CA ASP A 702 10.13 -30.08 -25.48
C ASP A 702 8.68 -30.07 -25.95
N LYS A 703 7.80 -29.36 -25.24
CA LYS A 703 6.42 -29.20 -25.70
C LYS A 703 5.92 -27.80 -25.37
N VAL A 704 5.06 -27.29 -26.24
CA VAL A 704 4.54 -25.93 -26.14
C VAL A 704 3.67 -25.79 -24.90
N VAL A 705 3.95 -24.79 -24.07
CA VAL A 705 3.17 -24.54 -22.87
C VAL A 705 2.60 -23.12 -22.82
N SER A 706 3.06 -22.22 -23.68
CA SER A 706 2.57 -20.85 -23.68
C SER A 706 2.97 -20.18 -24.99
N VAL A 707 2.03 -19.42 -25.56
CA VAL A 707 2.25 -18.73 -26.82
C VAL A 707 1.70 -17.31 -26.69
N LYS A 708 2.47 -16.33 -27.14
CA LYS A 708 2.03 -14.94 -27.15
C LYS A 708 2.33 -14.33 -28.50
N THR A 709 1.33 -13.69 -29.09
CA THR A 709 1.44 -13.05 -30.39
C THR A 709 1.15 -11.57 -30.25
N VAL A 710 1.98 -10.74 -30.87
CA VAL A 710 1.80 -9.29 -30.90
C VAL A 710 1.87 -8.85 -32.34
N LYS A 711 0.77 -8.28 -32.85
CA LYS A 711 0.68 -7.85 -34.23
C LYS A 711 0.92 -6.35 -34.35
N THR A 712 1.42 -5.93 -35.51
CA THR A 712 1.49 -4.52 -35.84
C THR A 712 0.07 -3.97 -36.00
N ALA A 713 -0.30 -3.03 -35.15
CA ALA A 713 -1.66 -2.49 -35.18
C ALA A 713 -1.85 -1.55 -36.36
N ASP A 714 -3.07 -1.55 -36.89
CA ASP A 714 -3.44 -0.64 -37.97
C ASP A 714 -3.71 0.75 -37.37
N LYS A 715 -4.24 1.64 -38.21
CA LYS A 715 -4.66 2.95 -37.73
C LYS A 715 -5.72 2.81 -36.65
N ALA A 716 -5.62 3.64 -35.62
CA ALA A 716 -6.59 3.61 -34.52
C ALA A 716 -8.01 3.79 -35.07
N ALA A 717 -8.92 2.95 -34.57
CA ALA A 717 -10.28 2.93 -35.12
C ALA A 717 -11.40 2.80 -34.10
N GLN A 718 -11.19 2.18 -32.93
CA GLN A 718 -12.30 1.92 -32.04
C GLN A 718 -11.83 1.88 -30.60
N ILE A 719 -12.81 1.94 -29.69
CA ILE A 719 -12.58 1.92 -28.25
C ILE A 719 -13.07 0.59 -27.70
N ALA A 720 -12.29 0.00 -26.80
CA ALA A 720 -12.67 -1.24 -26.13
C ALA A 720 -12.65 -0.99 -24.62
N LEU A 721 -13.71 -1.42 -23.95
CA LEU A 721 -13.86 -1.24 -22.52
C LEU A 721 -13.81 -2.59 -21.82
N PHE A 722 -13.13 -2.65 -20.69
CA PHE A 722 -12.98 -3.88 -19.91
C PHE A 722 -13.17 -3.58 -18.44
N PRO A 723 -14.40 -3.70 -17.93
CA PRO A 723 -14.62 -3.55 -16.48
C PRO A 723 -14.12 -4.78 -15.75
N ASP A 724 -13.32 -4.56 -14.70
CA ASP A 724 -12.87 -5.69 -13.90
C ASP A 724 -14.01 -6.31 -13.10
N ARG A 725 -14.98 -5.50 -12.67
CA ARG A 725 -16.17 -5.98 -11.98
C ARG A 725 -17.39 -5.32 -12.62
N LYS A 726 -18.43 -6.12 -12.88
CA LYS A 726 -19.68 -5.61 -13.40
C LYS A 726 -20.81 -5.62 -12.37
N ILE A 727 -20.61 -6.26 -11.23
CA ILE A 727 -21.60 -6.29 -10.15
C ILE A 727 -21.02 -5.56 -8.96
N LEU A 728 -21.67 -4.48 -8.56
CA LEU A 728 -21.19 -3.61 -7.49
C LEU A 728 -22.22 -3.51 -6.37
N SER A 729 -21.73 -3.20 -5.18
N SER A 729 -21.73 -3.20 -5.18
CA SER A 729 -22.59 -2.96 -4.02
CA SER A 729 -22.60 -2.97 -4.03
C SER A 729 -23.03 -1.50 -4.02
C SER A 729 -23.03 -1.51 -4.01
N ALA A 730 -24.32 -1.27 -3.84
CA ALA A 730 -24.88 0.08 -3.86
C ALA A 730 -24.69 0.78 -2.51
N ASP A 731 -23.42 0.88 -2.12
CA ASP A 731 -23.06 1.49 -0.84
C ASP A 731 -22.48 2.90 -0.97
N GLY A 732 -22.25 3.37 -2.19
CA GLY A 732 -21.59 4.65 -2.37
C GLY A 732 -20.08 4.61 -2.31
N TYR A 733 -19.48 3.44 -2.07
CA TYR A 733 -18.04 3.29 -1.99
C TYR A 733 -17.46 2.27 -2.95
N ASP A 734 -18.26 1.32 -3.43
CA ASP A 734 -17.74 0.28 -4.31
C ASP A 734 -17.40 0.87 -5.67
N LEU A 735 -16.31 0.38 -6.25
CA LEU A 735 -15.76 0.91 -7.49
C LEU A 735 -15.67 -0.18 -8.54
N SER A 736 -15.74 0.24 -9.80
CA SER A 736 -15.44 -0.63 -10.94
C SER A 736 -14.34 0.05 -11.75
N TYR A 737 -13.24 -0.65 -11.94
CA TYR A 737 -12.13 -0.13 -12.73
C TYR A 737 -12.31 -0.61 -14.17
N ILE A 738 -12.55 0.34 -15.07
CA ILE A 738 -12.86 0.04 -16.46
C ILE A 738 -11.63 0.37 -17.30
N THR A 739 -10.95 -0.66 -17.78
CA THR A 739 -9.83 -0.47 -18.68
C THR A 739 -10.34 0.04 -20.03
N VAL A 740 -9.70 1.08 -20.55
CA VAL A 740 -10.07 1.68 -21.83
C VAL A 740 -8.88 1.50 -22.76
N GLU A 741 -9.09 0.79 -23.86
CA GLU A 741 -8.04 0.52 -24.84
C GLU A 741 -8.40 1.12 -26.19
N ILE A 742 -7.40 1.67 -26.87
CA ILE A 742 -7.55 2.15 -28.24
C ILE A 742 -6.96 1.10 -29.17
N THR A 743 -7.80 0.52 -30.02
CA THR A 743 -7.39 -0.57 -30.89
C THR A 743 -7.72 -0.22 -32.34
N ASP A 744 -7.22 -1.07 -33.25
CA ASP A 744 -7.55 -0.97 -34.66
C ASP A 744 -8.84 -1.75 -34.93
N THR A 745 -9.14 -1.99 -36.20
CA THR A 745 -10.36 -2.74 -36.54
C THR A 745 -10.29 -4.19 -36.08
N ASP A 746 -9.10 -4.78 -36.09
CA ASP A 746 -8.95 -6.18 -35.66
C ASP A 746 -8.83 -6.32 -34.15
N GLY A 747 -8.84 -5.23 -33.40
CA GLY A 747 -8.73 -5.29 -31.97
C GLY A 747 -7.32 -5.22 -31.41
N ASN A 748 -6.31 -5.03 -32.27
CA ASN A 748 -4.94 -4.91 -31.80
C ASN A 748 -4.73 -3.56 -31.12
N LEU A 749 -4.12 -3.59 -29.94
CA LEU A 749 -3.87 -2.35 -29.22
C LEU A 749 -2.93 -1.45 -30.02
N VAL A 750 -3.30 -0.18 -30.14
CA VAL A 750 -2.45 0.80 -30.81
C VAL A 750 -1.44 1.32 -29.79
N PRO A 751 -0.17 0.93 -29.89
CA PRO A 751 0.77 1.16 -28.78
C PRO A 751 1.04 2.63 -28.48
N ASP A 752 0.86 3.53 -29.43
CA ASP A 752 1.20 4.94 -29.25
C ASP A 752 -0.04 5.84 -29.13
N ALA A 753 -1.22 5.27 -29.00
CA ALA A 753 -2.45 6.06 -29.02
C ALA A 753 -2.51 7.00 -27.83
N ASP A 754 -2.91 8.25 -28.08
CA ASP A 754 -3.07 9.26 -27.04
C ASP A 754 -4.39 10.01 -27.19
N ASN A 755 -5.40 9.34 -27.74
CA ASN A 755 -6.67 9.99 -28.03
C ASN A 755 -7.34 10.48 -26.75
N LYS A 756 -8.02 11.62 -26.84
CA LYS A 756 -8.82 12.12 -25.73
C LYS A 756 -10.16 11.39 -25.73
N ILE A 757 -10.40 10.60 -24.69
CA ILE A 757 -11.62 9.82 -24.55
C ILE A 757 -12.57 10.56 -23.62
N ASN A 758 -13.84 10.65 -24.02
CA ASN A 758 -14.89 11.27 -23.23
C ASN A 758 -15.81 10.21 -22.66
N PHE A 759 -16.17 10.36 -21.39
CA PHE A 759 -16.92 9.35 -20.66
C PHE A 759 -18.26 9.92 -20.18
N LYS A 760 -19.30 9.10 -20.29
CA LYS A 760 -20.62 9.42 -19.77
C LYS A 760 -21.13 8.25 -18.96
N VAL A 761 -21.62 8.54 -17.75
CA VAL A 761 -22.14 7.52 -16.85
C VAL A 761 -23.56 7.90 -16.47
N GLU A 762 -24.51 7.04 -16.81
CA GLU A 762 -25.92 7.22 -16.48
C GLU A 762 -26.39 6.05 -15.62
N GLY A 763 -27.36 6.32 -14.75
CA GLY A 763 -27.93 5.29 -13.93
C GLY A 763 -27.48 5.34 -12.49
N ALA A 764 -27.41 4.17 -11.83
CA ALA A 764 -27.09 4.10 -10.41
C ALA A 764 -25.60 4.20 -10.12
N GLY A 765 -24.91 5.13 -10.75
CA GLY A 765 -23.49 5.31 -10.53
C GLY A 765 -23.02 6.60 -11.15
N GLU A 766 -21.75 6.92 -10.92
CA GLU A 766 -21.18 8.14 -11.48
C GLU A 766 -19.67 8.02 -11.57
N ILE A 767 -19.07 8.86 -12.40
CA ILE A 767 -17.62 8.94 -12.50
C ILE A 767 -17.06 9.48 -11.19
N ILE A 768 -16.02 8.81 -10.67
CA ILE A 768 -15.32 9.30 -9.50
C ILE A 768 -13.91 9.79 -9.81
N ALA A 769 -13.22 9.21 -10.79
CA ALA A 769 -11.87 9.61 -11.16
C ALA A 769 -11.48 8.95 -12.47
N VAL A 770 -10.44 9.50 -13.11
CA VAL A 770 -9.84 8.93 -14.31
C VAL A 770 -8.33 9.01 -14.18
N GLY A 771 -7.64 8.17 -14.96
CA GLY A 771 -6.19 8.18 -14.99
C GLY A 771 -5.69 7.37 -16.17
N ASN A 772 -4.37 7.27 -16.28
CA ASN A 772 -3.76 6.53 -17.38
C ASN A 772 -2.31 6.15 -17.10
N GLY A 773 -1.84 6.36 -15.88
CA GLY A 773 -0.49 5.99 -15.50
C GLY A 773 0.62 6.87 -16.06
N ASP A 774 0.28 8.01 -16.64
CA ASP A 774 1.28 8.95 -17.15
C ASP A 774 1.93 9.68 -15.98
N SER A 775 3.26 9.60 -15.89
CA SER A 775 3.99 10.18 -14.77
C SER A 775 4.32 11.65 -14.96
N ALA A 776 4.11 12.21 -16.16
CA ALA A 776 4.49 13.59 -16.47
C ALA A 776 3.34 14.29 -17.19
N THR A 777 2.23 14.49 -16.47
CA THR A 777 1.09 15.24 -17.00
C THR A 777 0.40 15.96 -15.85
N THR A 778 -0.24 17.08 -16.18
CA THR A 778 -1.03 17.84 -15.22
C THR A 778 -2.52 17.71 -15.49
N ALA A 779 -2.93 16.68 -16.23
CA ALA A 779 -4.34 16.47 -16.50
C ALA A 779 -5.10 16.22 -15.20
N PRO A 780 -6.36 16.61 -15.13
CA PRO A 780 -7.12 16.42 -13.89
C PRO A 780 -7.47 14.96 -13.68
N PHE A 781 -7.48 14.55 -12.40
CA PHE A 781 -7.94 13.22 -12.03
C PHE A 781 -9.46 13.19 -11.89
N GLN A 782 -10.07 14.30 -11.52
CA GLN A 782 -11.53 14.42 -11.39
C GLN A 782 -12.05 15.10 -12.65
N ALA A 783 -12.42 14.29 -13.62
CA ALA A 783 -12.96 14.78 -14.89
C ALA A 783 -13.66 13.64 -15.59
N ASP A 784 -14.50 13.99 -16.56
CA ASP A 784 -15.19 13.00 -17.38
C ASP A 784 -14.47 12.78 -18.71
N TYR A 785 -13.16 13.03 -18.75
CA TYR A 785 -12.36 12.83 -19.94
C TYR A 785 -10.94 12.52 -19.52
N ARG A 786 -10.21 11.84 -20.41
CA ARG A 786 -8.83 11.45 -20.14
C ARG A 786 -8.19 11.00 -21.44
N HIS A 787 -6.94 11.40 -21.65
CA HIS A 787 -6.19 10.95 -22.81
C HIS A 787 -5.71 9.52 -22.60
N ALA A 788 -5.74 8.74 -23.67
CA ALA A 788 -5.06 7.45 -23.64
C ALA A 788 -3.57 7.69 -23.47
N PHE A 789 -2.93 6.83 -22.68
CA PHE A 789 -1.48 6.88 -22.49
C PHE A 789 -0.90 5.59 -23.03
N TYR A 790 -0.27 5.66 -24.20
CA TYR A 790 0.27 4.50 -24.89
C TYR A 790 -0.78 3.39 -25.00
N GLY A 791 -1.97 3.78 -25.48
CA GLY A 791 -3.02 2.85 -25.81
C GLY A 791 -4.08 2.67 -24.74
N LYS A 792 -3.79 3.02 -23.49
CA LYS A 792 -4.65 2.64 -22.38
C LYS A 792 -4.99 3.86 -21.51
N ALA A 793 -6.20 3.84 -20.97
CA ALA A 793 -6.64 4.79 -19.95
C ALA A 793 -7.57 4.07 -18.99
N MET A 794 -7.80 4.67 -17.82
CA MET A 794 -8.62 4.05 -16.78
C MET A 794 -9.74 4.99 -16.38
N LEU A 795 -10.95 4.46 -16.34
CA LEU A 795 -12.13 5.18 -15.84
C LEU A 795 -12.60 4.47 -14.59
N ILE A 796 -12.68 5.20 -13.48
CA ILE A 796 -13.10 4.64 -12.20
C ILE A 796 -14.55 5.06 -11.98
N VAL A 797 -15.45 4.08 -11.97
CA VAL A 797 -16.87 4.31 -11.75
C VAL A 797 -17.22 3.91 -10.33
N LYS A 798 -17.94 4.77 -9.63
CA LYS A 798 -18.33 4.52 -8.25
C LYS A 798 -19.84 4.28 -8.17
N SER A 799 -20.23 3.44 -7.23
CA SER A 799 -21.64 3.22 -6.97
C SER A 799 -22.24 4.44 -6.27
N ASN A 800 -23.57 4.47 -6.21
CA ASN A 800 -24.29 5.51 -5.49
C ASN A 800 -25.03 4.87 -4.32
N LYS A 801 -24.87 5.45 -3.15
CA LYS A 801 -25.38 4.84 -1.92
C LYS A 801 -26.90 4.81 -1.90
N GLY A 802 -27.47 3.63 -1.75
CA GLY A 802 -28.90 3.49 -1.60
C GLY A 802 -29.71 3.38 -2.88
N MET A 803 -29.09 3.45 -4.05
CA MET A 803 -29.81 3.29 -5.31
C MET A 803 -29.22 2.10 -6.05
N ALA A 804 -30.05 1.09 -6.30
CA ALA A 804 -29.65 -0.09 -7.06
C ALA A 804 -30.21 0.00 -8.46
N GLY A 805 -29.49 -0.56 -9.42
CA GLY A 805 -29.95 -0.56 -10.79
C GLY A 805 -28.79 -0.55 -11.75
N GLU A 806 -29.12 -0.41 -13.03
CA GLU A 806 -28.12 -0.47 -14.08
C GLU A 806 -27.27 0.80 -14.09
N ILE A 807 -26.00 0.62 -14.45
CA ILE A 807 -25.06 1.71 -14.65
C ILE A 807 -24.55 1.58 -16.07
N LYS A 808 -24.91 2.53 -16.93
CA LYS A 808 -24.50 2.51 -18.33
C LYS A 808 -23.29 3.42 -18.51
N VAL A 809 -22.20 2.85 -19.03
CA VAL A 809 -20.95 3.57 -19.27
C VAL A 809 -20.73 3.68 -20.76
N THR A 810 -20.47 4.90 -21.23
CA THR A 810 -20.21 5.15 -22.65
C THR A 810 -18.91 5.93 -22.78
N ALA A 811 -18.02 5.47 -23.66
CA ALA A 811 -16.76 6.13 -23.93
C ALA A 811 -16.74 6.62 -25.37
N SER A 812 -16.26 7.84 -25.57
CA SER A 812 -16.30 8.49 -26.87
C SER A 812 -14.99 9.20 -27.15
N ALA A 813 -14.52 9.09 -28.39
CA ALA A 813 -13.38 9.85 -28.87
C ALA A 813 -13.59 10.12 -30.35
N GLU A 814 -13.21 11.33 -30.78
CA GLU A 814 -13.44 11.68 -32.17
C GLU A 814 -12.58 10.81 -33.09
N LYS A 815 -13.14 10.48 -34.26
CA LYS A 815 -12.53 9.63 -35.27
C LYS A 815 -12.39 8.17 -34.82
N LEU A 816 -13.04 7.78 -33.73
CA LEU A 816 -13.04 6.40 -33.27
C LEU A 816 -14.48 5.95 -33.00
N ILE A 817 -14.68 4.64 -33.07
CA ILE A 817 -15.99 4.06 -32.77
C ILE A 817 -16.22 4.10 -31.26
N SER A 818 -17.37 4.60 -30.85
CA SER A 818 -17.70 4.66 -29.43
C SER A 818 -17.94 3.24 -28.89
N SER A 819 -18.03 3.16 -27.56
CA SER A 819 -18.23 1.87 -26.89
C SER A 819 -19.10 2.08 -25.66
N SER A 820 -19.85 1.04 -25.32
CA SER A 820 -20.74 1.09 -24.17
C SER A 820 -20.64 -0.20 -23.37
N VAL A 821 -20.84 -0.10 -22.06
CA VAL A 821 -20.89 -1.24 -21.16
C VAL A 821 -21.96 -0.97 -20.12
N VAL A 822 -22.52 -2.04 -19.57
CA VAL A 822 -23.57 -1.97 -18.57
C VAL A 822 -23.11 -2.67 -17.31
N LEU A 823 -23.25 -2.00 -16.17
CA LEU A 823 -22.97 -2.58 -14.87
C LEU A 823 -24.27 -2.65 -14.07
N VAL A 824 -24.20 -3.31 -12.91
CA VAL A 824 -25.37 -3.50 -12.07
C VAL A 824 -24.98 -3.23 -10.62
N SER A 825 -25.79 -2.45 -9.92
CA SER A 825 -25.60 -2.16 -8.51
C SER A 825 -26.68 -2.87 -7.71
N GLN A 826 -26.28 -3.55 -6.64
CA GLN A 826 -27.20 -4.32 -5.82
C GLN A 826 -27.11 -3.93 -4.35
#